data_7TRK
#
_entry.id   7TRK
#
_cell.length_a   1.00
_cell.length_b   1.00
_cell.length_c   1.00
_cell.angle_alpha   90.00
_cell.angle_beta   90.00
_cell.angle_gamma   90.00
#
_symmetry.space_group_name_H-M   'P 1'
#
loop_
_entity.id
_entity.type
_entity.pdbx_description
1 polymer 'Muscarinic acetylcholine receptor M4'
2 polymer 'Guanine nucleotide-binding protein G(I)/G(S)/G(T) subunit beta-1'
3 polymer 'Guanine nucleotide-binding protein G(I)/G(S)/G(O) subunit gamma-2'
4 polymer 'Antibody fragment scFv16'
5 polymer 'Guanine nucleotide-binding protein G(i) subunit alpha-1'
6 non-polymer 4-(4,5-dihydro-1,2-oxazol-3-yloxy)-N,N,N-trimethylbut-2-yn-1-aminium
#
loop_
_entity_poly.entity_id
_entity_poly.type
_entity_poly.pdbx_seq_one_letter_code
_entity_poly.pdbx_strand_id
1 'polypeptide(L)'
;DYKDDDDAMANFTPVNGSSGNQSVRLVTSSSHNRYETVEMVFIATVTGSLSLVTVVGNILVMLSIKVNRQLQTVNNYFLF
SLACADLIIGAFSMNLYTVYIIKGYWPLGAVVCDLWLALDYVVSNASVMNLLIISFDRYFCVTKPLTYPARRTTKMAGLM
IAAAWVLSFVLWAPAILFWQFVVGKRTVPDNQCFIQFLSNPAVTFGTAIAAFYLPVVIMTVLYIHISLASRSRVHKHRPE
GPKEKKAKTKRQMAARERKVTRTIFAILLAFILTWTPYNVMVLVNTFCQSCIPDTVWSIGYWLCYVNSTINPACYALCNA
TFKKTFRHLLLCQYRNIGTARHHHHHHHH
;
R
2 'polypeptide(L)'
;HHHHHHGSSGSELDQLRQEAEQLKNQIRDARKACADATLSQITNNIDPVGRIQMRTRRTLRGHLAKIYAMHWGTDSRLLV
SASQDGKLIIWDSYTTNKVHAIPLRSSWVMTCAYAPSGNYVACGGLDNICSIYNLKTREGNVRVSRELAGHTGYLSCCRF
LDDNQIVTSSGDTTCALWDIETGQQTTTFTGHTGDVMSLSLAPDTRLFVSGACDASAKLWDVREGMCRQTFTGHESDINA
ICFFPNGNAFATGSDDATCRLFDLRADQELMTYSHDNIICGITSVSFSKSGRLLLAGYDDFNCNVWDALKADRAGVLAGH
DNRVSCLGVTDDGMAVATGSWDSFLKIWN
;
B
3 'polypeptide(L)' ASNNTASIAQARKLVEQLKMEANIDRIKVSKAAADLMAYCEAHAKEDPLLTPVPASENPFREKKFFCAIL G
4 'polypeptide(L)'
;DVQLVESGGGLVQPGGSRKLSCSASGFAFSSFGMHWVRQAPEKGLEWVAYISSGSGTIYYADTVKGRFTISRDDPKNTLF
LQMTSLRSEDTAMYYCVRSIYYYGSSPFDFWGQGTTLTVSSGGGGSGGGGSGGGGSDIVMTQATSSVPVTPGESVSISCR
SSKSLLHSNGNTYLYWFLQRPGQSPQLLIYRMSNLASGVPDRFSGSGSGTAFTLTISRLEAEDVGVYYCMQHLEYPLTFG
AGTKLELK
;
H
5 'polypeptide(L)'
;MGCTLSAEDKAAVERSKMIDRNLREDGEKAAREVKLLLLGAGESGKNTIVKQMKIIHEAGYSEEECKQYKAVVYSNTIQS
IIAIIRAMGRLKIDFGDSARADDARQLFVLAGAAEEGFMTAELAGVIKRLWKDSGVQACFNRSREYQLNDSAAYYLNDLD
RIAQPNYIPTQQDVLRTRVKTTGIVETHFTFKDLHFKMFDVGAQRSERKKWIHCFEGVTAIIFCVALSDYDLVLAEDEEM
NRMHASMKLFDSICNNKWFTDTSIILFLNKKDLFEEKIKKSPLTICYPEYAGSNTYEEAAAYIQCQFEDLNKRKDTKEIY
THFTCSTDTKNVQFVFDAVTDVIIKNNLKDCGLF
;
A
#
loop_
_chem_comp.id
_chem_comp.type
_chem_comp.name
_chem_comp.formula
IXO non-polymer 4-(4,5-dihydro-1,2-oxazol-3-yloxy)-N,N,N-trimethylbut-2-yn-1-aminium 'C10 H17 N2 O2 1'
#
# COMPACT_ATOMS: atom_id res chain seq x y z
N MET A 40 38.27 23.34 -38.07
CA MET A 40 38.40 22.01 -37.50
C MET A 40 38.39 22.07 -35.98
N VAL A 41 39.16 23.02 -35.45
CA VAL A 41 39.22 23.26 -34.01
C VAL A 41 37.83 23.56 -33.42
N PHE A 42 37.10 24.54 -33.98
CA PHE A 42 35.78 24.94 -33.52
C PHE A 42 34.71 23.84 -33.64
N ILE A 43 34.67 23.12 -34.76
CA ILE A 43 33.62 22.11 -34.97
C ILE A 43 33.73 20.95 -33.99
N ALA A 44 34.96 20.52 -33.65
CA ALA A 44 35.14 19.46 -32.67
C ALA A 44 34.62 19.87 -31.31
N THR A 45 34.85 21.13 -30.92
CA THR A 45 34.35 21.65 -29.66
C THR A 45 32.82 21.72 -29.65
N VAL A 46 32.20 22.15 -30.77
CA VAL A 46 30.74 22.23 -30.82
C VAL A 46 30.11 20.84 -30.79
N THR A 47 30.75 19.85 -31.41
CA THR A 47 30.16 18.52 -31.43
C THR A 47 30.39 17.78 -30.13
N GLY A 48 31.55 17.99 -29.48
CA GLY A 48 31.77 17.37 -28.19
C GLY A 48 30.90 17.98 -27.11
N SER A 49 30.67 19.30 -27.18
CA SER A 49 29.73 19.97 -26.29
C SER A 49 28.30 19.43 -26.44
N LEU A 50 27.83 19.29 -27.69
CA LEU A 50 26.49 18.70 -27.91
C LEU A 50 26.43 17.24 -27.46
N SER A 51 27.48 16.46 -27.71
CA SER A 51 27.48 15.06 -27.27
C SER A 51 27.45 14.96 -25.75
N LEU A 52 28.18 15.84 -25.07
CA LEU A 52 28.14 15.88 -23.61
C LEU A 52 26.76 16.26 -23.09
N VAL A 53 26.13 17.25 -23.74
CA VAL A 53 24.77 17.65 -23.37
C VAL A 53 23.80 16.50 -23.57
N THR A 54 23.98 15.75 -24.66
CA THR A 54 23.12 14.60 -24.96
C THR A 54 23.25 13.51 -23.91
N VAL A 55 24.49 13.14 -23.56
CA VAL A 55 24.67 12.07 -22.59
C VAL A 55 24.19 12.48 -21.19
N VAL A 56 24.45 13.73 -20.77
CA VAL A 56 23.97 14.14 -19.45
C VAL A 56 22.45 14.23 -19.43
N GLY A 57 21.82 14.71 -20.52
CA GLY A 57 20.37 14.77 -20.59
C GLY A 57 19.72 13.39 -20.51
N ASN A 58 20.17 12.46 -21.34
CA ASN A 58 19.54 11.13 -21.37
C ASN A 58 19.81 10.33 -20.09
N ILE A 59 21.01 10.46 -19.50
CA ILE A 59 21.23 9.80 -18.21
C ILE A 59 20.43 10.49 -17.11
N LEU A 60 20.19 11.80 -17.21
CA LEU A 60 19.34 12.48 -16.24
C LEU A 60 17.90 11.99 -16.35
N VAL A 61 17.43 11.75 -17.58
CA VAL A 61 16.10 11.19 -17.80
C VAL A 61 15.98 9.80 -17.18
N MET A 62 16.94 8.91 -17.50
CA MET A 62 16.92 7.54 -16.97
C MET A 62 16.98 7.54 -15.44
N LEU A 63 17.89 8.34 -14.88
CA LEU A 63 18.02 8.45 -13.43
C LEU A 63 16.73 9.00 -12.81
N SER A 64 16.08 9.97 -13.47
CA SER A 64 14.82 10.50 -12.98
C SER A 64 13.70 9.47 -12.98
N ILE A 65 13.75 8.49 -13.89
CA ILE A 65 12.77 7.41 -13.80
C ILE A 65 13.28 6.28 -12.89
N LYS A 66 14.52 6.38 -12.41
CA LYS A 66 15.02 5.40 -11.45
C LYS A 66 15.00 5.87 -10.00
N VAL A 67 14.88 7.17 -9.73
CA VAL A 67 14.94 7.67 -8.36
C VAL A 67 13.60 8.12 -7.81
N ASN A 68 12.60 8.39 -8.65
CA ASN A 68 11.32 8.89 -8.18
C ASN A 68 10.21 7.92 -8.55
N ARG A 69 9.44 7.51 -7.54
CA ARG A 69 8.37 6.52 -7.72
C ARG A 69 7.24 7.05 -8.59
N GLN A 70 6.92 8.35 -8.46
CA GLN A 70 5.86 8.97 -9.25
C GLN A 70 6.17 8.91 -10.75
N LEU A 71 7.44 9.09 -11.11
CA LEU A 71 7.86 8.97 -12.50
C LEU A 71 7.89 7.53 -13.00
N GLN A 72 7.73 6.53 -12.13
CA GLN A 72 7.74 5.14 -12.58
C GLN A 72 6.32 4.77 -13.00
N THR A 73 6.01 5.04 -14.27
CA THR A 73 4.69 4.79 -14.85
C THR A 73 4.88 4.19 -16.23
N VAL A 74 3.87 3.42 -16.66
CA VAL A 74 3.83 2.71 -17.95
C VAL A 74 4.17 3.64 -19.12
N ASN A 75 3.66 4.87 -19.08
CA ASN A 75 3.97 5.87 -20.11
C ASN A 75 5.46 6.21 -20.15
N ASN A 76 6.09 6.33 -18.97
CA ASN A 76 7.50 6.67 -18.87
C ASN A 76 8.44 5.56 -19.36
N TYR A 77 7.97 4.31 -19.45
CA TYR A 77 8.82 3.22 -19.96
C TYR A 77 9.25 3.49 -21.40
N PHE A 78 8.34 4.02 -22.21
CA PHE A 78 8.67 4.41 -23.58
C PHE A 78 9.70 5.52 -23.61
N LEU A 79 9.58 6.49 -22.69
CA LEU A 79 10.56 7.55 -22.57
C LEU A 79 11.92 7.01 -22.16
N PHE A 80 11.94 6.00 -21.29
CA PHE A 80 13.18 5.36 -20.88
C PHE A 80 13.86 4.68 -22.07
N SER A 81 13.08 3.97 -22.89
CA SER A 81 13.60 3.34 -24.10
C SER A 81 14.18 4.37 -25.07
N LEU A 82 13.41 5.43 -25.34
CA LEU A 82 13.86 6.57 -26.14
C LEU A 82 15.17 7.14 -25.64
N ALA A 83 15.25 7.40 -24.32
CA ALA A 83 16.46 7.97 -23.74
C ALA A 83 17.63 7.00 -23.80
N CYS A 84 17.37 5.69 -23.84
CA CYS A 84 18.46 4.73 -23.93
C CYS A 84 19.05 4.73 -25.35
N ALA A 85 18.17 4.70 -26.36
CA ALA A 85 18.62 4.84 -27.75
C ALA A 85 19.36 6.14 -27.99
N ASP A 86 18.83 7.24 -27.44
CA ASP A 86 19.49 8.55 -27.53
C ASP A 86 20.85 8.55 -26.85
N LEU A 87 20.96 7.91 -25.68
CA LEU A 87 22.26 7.81 -25.00
C LEU A 87 23.27 7.02 -25.82
N ILE A 88 22.82 5.95 -26.48
CA ILE A 88 23.69 5.18 -27.39
C ILE A 88 24.19 6.07 -28.52
N ILE A 89 23.28 6.86 -29.13
CA ILE A 89 23.68 7.80 -30.18
C ILE A 89 24.67 8.83 -29.65
N GLY A 90 24.39 9.41 -28.48
CA GLY A 90 25.17 10.51 -27.96
C GLY A 90 26.53 10.09 -27.44
N ALA A 91 26.70 8.82 -27.09
CA ALA A 91 28.01 8.35 -26.70
C ALA A 91 28.81 7.85 -27.91
N PHE A 92 28.24 6.94 -28.70
CA PHE A 92 29.05 6.24 -29.69
C PHE A 92 29.01 6.87 -31.07
N SER A 93 27.87 7.44 -31.49
CA SER A 93 27.72 7.85 -32.88
C SER A 93 28.37 9.21 -33.15
N MET A 94 28.01 10.23 -32.35
CA MET A 94 28.46 11.59 -32.63
C MET A 94 29.97 11.76 -32.47
N ASN A 95 30.59 10.95 -31.62
CA ASN A 95 32.04 11.02 -31.44
C ASN A 95 32.77 10.48 -32.66
N LEU A 96 32.33 9.31 -33.15
CA LEU A 96 32.94 8.72 -34.33
C LEU A 96 32.67 9.58 -35.56
N TYR A 97 31.49 10.19 -35.65
CA TYR A 97 31.24 11.00 -36.84
C TYR A 97 31.87 12.38 -36.78
N THR A 98 32.26 12.85 -35.59
CA THR A 98 32.98 14.11 -35.62
C THR A 98 34.45 13.86 -35.89
N VAL A 99 34.95 12.66 -35.55
CA VAL A 99 36.28 12.28 -36.01
C VAL A 99 36.28 12.15 -37.54
N TYR A 100 35.20 11.56 -38.08
CA TYR A 100 35.04 11.39 -39.52
C TYR A 100 35.04 12.69 -40.31
N ILE A 101 34.35 13.74 -39.84
CA ILE A 101 34.43 14.97 -40.64
C ILE A 101 35.58 15.89 -40.22
N ILE A 102 36.27 15.62 -39.12
CA ILE A 102 37.41 16.50 -38.83
C ILE A 102 38.63 15.98 -39.59
N LYS A 103 38.72 14.68 -39.85
CA LYS A 103 39.84 14.16 -40.62
C LYS A 103 39.53 13.98 -42.10
N GLY A 104 38.26 13.79 -42.46
CA GLY A 104 37.86 13.62 -43.83
C GLY A 104 37.67 12.17 -44.24
N TYR A 105 38.40 11.25 -43.61
CA TYR A 105 38.35 9.83 -43.94
C TYR A 105 37.98 9.05 -42.67
N TRP A 106 38.03 7.73 -42.75
CA TRP A 106 37.72 6.88 -41.61
C TRP A 106 38.97 6.15 -41.16
N PRO A 107 39.58 6.58 -40.04
CA PRO A 107 40.81 5.91 -39.57
C PRO A 107 40.62 4.49 -39.08
N LEU A 108 39.46 4.20 -38.47
CA LEU A 108 39.22 2.93 -37.77
C LEU A 108 39.37 1.70 -38.67
N GLY A 109 38.86 1.73 -39.90
CA GLY A 109 38.95 0.58 -40.77
C GLY A 109 37.64 0.17 -41.39
N ALA A 110 37.69 -0.93 -42.15
CA ALA A 110 36.52 -1.42 -42.87
C ALA A 110 35.71 -2.50 -42.15
N VAL A 111 36.32 -3.28 -41.26
CA VAL A 111 35.55 -4.27 -40.51
C VAL A 111 34.64 -3.61 -39.49
N VAL A 112 35.14 -2.59 -38.79
CA VAL A 112 34.39 -1.86 -37.79
C VAL A 112 33.37 -0.89 -38.40
N CYS A 113 33.63 -0.35 -39.61
CA CYS A 113 32.74 0.63 -40.25
C CYS A 113 31.33 0.09 -40.48
N ASP A 114 31.20 -1.15 -40.97
CA ASP A 114 29.89 -1.73 -41.19
C ASP A 114 29.13 -1.94 -39.89
N LEU A 115 29.82 -2.39 -38.84
CA LEU A 115 29.19 -2.56 -37.53
C LEU A 115 28.75 -1.22 -36.94
N TRP A 116 29.56 -0.17 -37.14
CA TRP A 116 29.18 1.17 -36.70
C TRP A 116 27.91 1.66 -37.41
N LEU A 117 27.88 1.49 -38.74
CA LEU A 117 26.71 1.91 -39.51
C LEU A 117 25.47 1.12 -39.12
N ALA A 118 25.63 -0.18 -38.86
CA ALA A 118 24.51 -1.01 -38.42
C ALA A 118 24.00 -0.55 -37.06
N LEU A 119 24.90 -0.35 -36.10
CA LEU A 119 24.50 0.08 -34.76
C LEU A 119 23.83 1.45 -34.78
N ASP A 120 24.44 2.40 -35.47
CA ASP A 120 23.92 3.77 -35.58
C ASP A 120 22.53 3.79 -36.21
N TYR A 121 22.39 3.17 -37.39
CA TYR A 121 21.10 3.16 -38.09
C TYR A 121 20.02 2.41 -37.31
N VAL A 122 20.38 1.40 -36.52
CA VAL A 122 19.34 0.67 -35.80
C VAL A 122 18.94 1.37 -34.51
N VAL A 123 19.87 2.06 -33.84
CA VAL A 123 19.44 2.82 -32.67
C VAL A 123 18.68 4.08 -33.09
N SER A 124 19.01 4.67 -34.25
CA SER A 124 18.28 5.84 -34.71
C SER A 124 16.87 5.48 -35.19
N ASN A 125 16.75 4.34 -35.88
CA ASN A 125 15.42 3.92 -36.28
C ASN A 125 14.60 3.46 -35.08
N ALA A 126 15.24 2.87 -34.06
CA ALA A 126 14.53 2.53 -32.84
C ALA A 126 14.08 3.77 -32.10
N SER A 127 14.88 4.84 -32.13
CA SER A 127 14.48 6.14 -31.60
C SER A 127 13.20 6.65 -32.25
N VAL A 128 13.15 6.65 -33.59
CA VAL A 128 11.96 7.10 -34.30
C VAL A 128 10.78 6.17 -34.07
N MET A 129 11.02 4.86 -33.97
CA MET A 129 9.96 3.91 -33.65
C MET A 129 9.42 4.12 -32.23
N ASN A 130 10.29 4.47 -31.29
CA ASN A 130 9.84 4.82 -29.94
C ASN A 130 8.97 6.07 -29.96
N LEU A 131 9.32 7.06 -30.79
CA LEU A 131 8.46 8.24 -30.94
C LEU A 131 7.11 7.85 -31.55
N LEU A 132 7.12 6.89 -32.47
CA LEU A 132 5.88 6.45 -33.11
C LEU A 132 4.97 5.72 -32.12
N ILE A 133 5.53 4.85 -31.29
CA ILE A 133 4.70 4.15 -30.32
C ILE A 133 4.28 5.07 -29.18
N ILE A 134 5.05 6.14 -28.92
CA ILE A 134 4.60 7.17 -27.97
C ILE A 134 3.39 7.89 -28.54
N SER A 135 3.37 8.10 -29.86
CA SER A 135 2.27 8.82 -30.47
C SER A 135 1.01 7.96 -30.52
N PHE A 136 1.16 6.67 -30.83
CA PHE A 136 0.04 5.73 -30.77
C PHE A 136 -0.52 5.58 -29.35
N ASP A 137 0.38 5.51 -28.35
CA ASP A 137 -0.04 5.41 -26.96
C ASP A 137 -0.84 6.64 -26.52
N ARG A 138 -0.33 7.84 -26.86
CA ARG A 138 -1.03 9.07 -26.49
C ARG A 138 -2.37 9.19 -27.21
N TYR A 139 -2.42 8.76 -28.48
CA TYR A 139 -3.67 8.80 -29.24
C TYR A 139 -4.73 7.90 -28.61
N PHE A 140 -4.34 6.71 -28.17
CA PHE A 140 -5.32 5.83 -27.56
C PHE A 140 -5.68 6.28 -26.15
N CYS A 141 -4.72 6.83 -25.40
CA CYS A 141 -5.03 7.38 -24.07
C CYS A 141 -5.96 8.59 -24.14
N VAL A 142 -5.97 9.32 -25.24
CA VAL A 142 -6.86 10.46 -25.35
C VAL A 142 -8.20 10.09 -25.98
N THR A 143 -8.18 9.40 -27.12
CA THR A 143 -9.42 9.11 -27.84
C THR A 143 -10.19 7.94 -27.27
N LYS A 144 -9.58 7.12 -26.42
CA LYS A 144 -10.28 6.11 -25.63
C LYS A 144 -9.85 6.31 -24.18
N PRO A 145 -10.38 7.32 -23.50
CA PRO A 145 -9.89 7.63 -22.15
C PRO A 145 -10.27 6.60 -21.11
N LEU A 146 -11.45 6.01 -21.24
CA LEU A 146 -11.95 5.06 -20.25
C LEU A 146 -11.24 3.72 -20.38
N THR A 147 -11.33 3.10 -21.57
CA THR A 147 -10.99 1.69 -21.72
C THR A 147 -9.49 1.45 -21.89
N TYR A 148 -8.81 2.28 -22.69
CA TYR A 148 -7.41 2.05 -23.03
C TYR A 148 -6.42 1.95 -21.86
N PRO A 149 -6.45 2.81 -20.81
CA PRO A 149 -5.53 2.57 -19.67
C PRO A 149 -5.67 1.20 -19.03
N ALA A 150 -6.91 0.69 -18.95
CA ALA A 150 -7.16 -0.63 -18.39
C ALA A 150 -6.47 -1.73 -19.19
N ARG A 151 -6.71 -1.79 -20.49
CA ARG A 151 -6.16 -2.87 -21.30
C ARG A 151 -4.68 -2.66 -21.65
N ARG A 152 -4.18 -1.44 -21.57
CA ARG A 152 -2.73 -1.25 -21.69
C ARG A 152 -2.11 -1.67 -20.37
N THR A 153 -1.07 -2.50 -20.44
CA THR A 153 -0.34 -2.98 -19.27
C THR A 153 1.13 -3.06 -19.61
N THR A 154 1.94 -3.14 -18.55
CA THR A 154 3.41 -3.22 -18.63
C THR A 154 3.91 -4.33 -19.58
N LYS A 155 3.15 -5.41 -19.75
CA LYS A 155 3.58 -6.44 -20.69
C LYS A 155 3.34 -5.98 -22.13
N MET A 156 2.26 -5.25 -22.39
CA MET A 156 2.08 -4.71 -23.74
C MET A 156 2.95 -3.50 -24.01
N ALA A 157 3.38 -2.80 -22.96
CA ALA A 157 4.34 -1.71 -23.12
C ALA A 157 5.71 -2.28 -23.50
N GLY A 158 6.15 -3.32 -22.78
CA GLY A 158 7.38 -4.01 -23.15
C GLY A 158 7.29 -4.69 -24.51
N LEU A 159 6.09 -5.21 -24.85
CA LEU A 159 5.85 -5.78 -26.17
C LEU A 159 6.03 -4.75 -27.27
N MET A 160 5.52 -3.53 -27.07
CA MET A 160 5.66 -2.54 -28.14
C MET A 160 7.05 -1.93 -28.16
N ILE A 161 7.75 -1.89 -27.02
CA ILE A 161 9.14 -1.44 -27.02
C ILE A 161 10.02 -2.43 -27.78
N ALA A 162 9.90 -3.72 -27.43
CA ALA A 162 10.62 -4.78 -28.14
C ALA A 162 10.23 -4.85 -29.61
N ALA A 163 8.96 -4.61 -29.93
CA ALA A 163 8.52 -4.60 -31.32
C ALA A 163 9.16 -3.46 -32.10
N ALA A 164 9.29 -2.29 -31.47
CA ALA A 164 9.96 -1.16 -32.10
C ALA A 164 11.43 -1.45 -32.35
N TRP A 165 12.11 -2.00 -31.35
CA TRP A 165 13.55 -2.28 -31.47
C TRP A 165 13.82 -3.38 -32.50
N VAL A 166 13.02 -4.45 -32.49
CA VAL A 166 13.22 -5.56 -33.42
C VAL A 166 12.82 -5.17 -34.84
N LEU A 167 11.79 -4.33 -35.01
CA LEU A 167 11.44 -3.83 -36.33
C LEU A 167 12.58 -2.98 -36.90
N SER A 168 13.21 -2.16 -36.05
CA SER A 168 14.32 -1.33 -36.51
C SER A 168 15.53 -2.18 -36.87
N PHE A 169 15.82 -3.20 -36.04
CA PHE A 169 16.97 -4.06 -36.27
C PHE A 169 16.81 -4.86 -37.56
N VAL A 170 15.63 -5.43 -37.78
CA VAL A 170 15.34 -6.19 -39.00
C VAL A 170 15.37 -5.29 -40.23
N LEU A 171 14.83 -4.07 -40.12
CA LEU A 171 14.84 -3.17 -41.27
C LEU A 171 16.24 -2.74 -41.67
N TRP A 172 17.14 -2.52 -40.71
CA TRP A 172 18.44 -1.96 -41.10
C TRP A 172 19.61 -2.94 -41.07
N ALA A 173 19.87 -3.65 -39.96
CA ALA A 173 21.09 -4.45 -39.80
C ALA A 173 21.35 -5.51 -40.90
N PRO A 174 20.38 -6.38 -41.30
CA PRO A 174 20.70 -7.35 -42.38
C PRO A 174 21.05 -6.69 -43.70
N ALA A 175 20.35 -5.60 -44.04
CA ALA A 175 20.63 -4.90 -45.29
C ALA A 175 22.02 -4.27 -45.27
N ILE A 176 22.35 -3.52 -44.21
CA ILE A 176 23.63 -2.82 -44.13
C ILE A 176 24.80 -3.79 -44.10
N LEU A 177 24.81 -4.70 -43.12
CA LEU A 177 25.89 -5.67 -42.98
C LEU A 177 26.06 -6.58 -44.20
N PHE A 178 25.02 -7.34 -44.54
CA PHE A 178 25.10 -8.43 -45.52
C PHE A 178 24.94 -8.02 -46.99
N TRP A 179 24.84 -6.73 -47.33
CA TRP A 179 24.71 -6.34 -48.73
C TRP A 179 25.93 -6.76 -49.55
N GLN A 180 27.12 -6.65 -48.95
CA GLN A 180 28.36 -7.04 -49.59
C GLN A 180 28.41 -8.54 -49.91
N PHE A 181 27.88 -9.38 -49.01
CA PHE A 181 27.94 -10.82 -49.24
C PHE A 181 26.96 -11.29 -50.31
N VAL A 182 25.75 -10.73 -50.35
CA VAL A 182 24.82 -11.12 -51.42
C VAL A 182 25.15 -10.55 -52.79
N VAL A 183 25.71 -9.33 -52.90
CA VAL A 183 26.19 -8.98 -54.25
C VAL A 183 27.57 -9.61 -54.50
N GLY A 184 28.36 -9.85 -53.46
CA GLY A 184 29.66 -10.46 -53.62
C GLY A 184 30.86 -9.53 -53.68
N LYS A 185 30.69 -8.23 -53.49
CA LYS A 185 31.83 -7.32 -53.51
C LYS A 185 31.49 -6.12 -52.65
N ARG A 186 32.47 -5.23 -52.50
CA ARG A 186 32.31 -3.97 -51.78
C ARG A 186 32.72 -2.82 -52.69
N THR A 187 31.79 -1.92 -52.99
CA THR A 187 32.10 -0.71 -53.75
C THR A 187 32.48 0.46 -52.83
N VAL A 188 32.36 0.27 -51.52
CA VAL A 188 32.71 1.28 -50.52
C VAL A 188 34.22 1.30 -50.29
N PRO A 189 34.90 2.43 -50.56
CA PRO A 189 36.32 2.56 -50.24
C PRO A 189 36.60 2.35 -48.76
N ASP A 190 37.80 1.85 -48.46
CA ASP A 190 38.22 1.65 -47.07
C ASP A 190 38.31 2.97 -46.33
N ASN A 191 38.80 4.03 -46.99
CA ASN A 191 38.97 5.34 -46.37
C ASN A 191 37.63 5.98 -45.97
N GLN A 192 36.59 5.81 -46.76
CA GLN A 192 35.30 6.44 -46.49
C GLN A 192 34.30 5.44 -45.93
N CYS A 193 33.62 5.82 -44.84
CA CYS A 193 32.64 4.94 -44.20
C CYS A 193 31.22 5.38 -44.53
N PHE A 194 30.58 4.66 -45.46
CA PHE A 194 29.17 4.88 -45.76
C PHE A 194 28.56 3.54 -46.14
N ILE A 195 27.24 3.50 -46.25
CA ILE A 195 26.57 2.25 -46.59
C ILE A 195 26.54 2.10 -48.11
N GLN A 196 26.59 0.85 -48.56
CA GLN A 196 26.72 0.59 -49.98
C GLN A 196 25.42 0.75 -50.74
N PHE A 197 24.29 0.45 -50.12
CA PHE A 197 23.04 0.41 -50.88
C PHE A 197 22.44 1.79 -51.23
N LEU A 198 23.10 2.93 -51.01
CA LEU A 198 22.47 4.21 -51.30
C LEU A 198 22.64 4.61 -52.75
N SER A 199 23.18 3.71 -53.57
CA SER A 199 23.26 3.89 -55.00
C SER A 199 21.99 3.31 -55.63
N ASN A 200 21.52 2.19 -55.07
CA ASN A 200 20.34 1.49 -55.58
C ASN A 200 19.09 2.26 -55.18
N PRO A 201 18.28 2.74 -56.13
CA PRO A 201 17.03 3.45 -55.78
C PRO A 201 15.97 2.68 -54.99
N ALA A 202 15.74 1.40 -55.32
CA ALA A 202 14.67 0.62 -54.69
C ALA A 202 14.88 0.40 -53.20
N VAL A 203 16.09 0.02 -52.80
CA VAL A 203 16.28 -0.32 -51.39
C VAL A 203 16.34 0.95 -50.54
N THR A 204 16.80 2.07 -51.13
CA THR A 204 16.92 3.27 -50.32
C THR A 204 15.58 3.96 -50.25
N PHE A 205 14.69 3.70 -51.22
CA PHE A 205 13.38 4.32 -51.16
C PHE A 205 12.47 3.53 -50.26
N GLY A 206 12.55 2.19 -50.31
CA GLY A 206 11.79 1.38 -49.37
C GLY A 206 12.21 1.61 -47.92
N THR A 207 13.51 1.71 -47.66
CA THR A 207 13.98 2.02 -46.31
C THR A 207 13.56 3.42 -45.87
N ALA A 208 13.74 4.43 -46.73
CA ALA A 208 13.36 5.80 -46.40
C ALA A 208 11.86 5.93 -46.11
N ILE A 209 11.01 5.24 -46.88
CA ILE A 209 9.57 5.25 -46.61
C ILE A 209 9.28 4.57 -45.27
N ALA A 210 9.74 3.32 -45.11
CA ALA A 210 9.47 2.56 -43.90
C ALA A 210 10.20 3.08 -42.66
N ALA A 211 11.09 4.05 -42.79
CA ALA A 211 11.82 4.58 -41.64
C ALA A 211 11.47 6.01 -41.27
N PHE A 212 11.30 6.91 -42.23
CA PHE A 212 10.97 8.30 -41.92
C PHE A 212 9.58 8.72 -42.39
N TYR A 213 9.28 8.56 -43.68
CA TYR A 213 8.14 9.26 -44.28
C TYR A 213 6.81 8.70 -43.81
N LEU A 214 6.67 7.37 -43.82
CA LEU A 214 5.49 6.75 -43.24
C LEU A 214 5.35 7.00 -41.74
N PRO A 215 6.39 6.85 -40.88
CA PRO A 215 6.21 7.28 -39.49
C PRO A 215 5.95 8.76 -39.29
N VAL A 216 6.45 9.65 -40.15
CA VAL A 216 6.17 11.05 -39.88
C VAL A 216 4.75 11.41 -40.30
N VAL A 217 4.20 10.76 -41.34
CA VAL A 217 2.80 11.08 -41.64
C VAL A 217 1.85 10.40 -40.64
N ILE A 218 2.24 9.25 -40.09
CA ILE A 218 1.41 8.62 -39.05
C ILE A 218 1.43 9.46 -37.78
N MET A 219 2.62 9.88 -37.34
CA MET A 219 2.75 10.75 -36.17
C MET A 219 1.99 12.06 -36.35
N THR A 220 2.08 12.67 -37.54
CA THR A 220 1.37 13.92 -37.80
C THR A 220 -0.14 13.73 -37.71
N VAL A 221 -0.67 12.66 -38.31
CA VAL A 221 -2.12 12.41 -38.29
C VAL A 221 -2.60 12.15 -36.86
N LEU A 222 -1.87 11.32 -36.11
CA LEU A 222 -2.27 11.02 -34.74
C LEU A 222 -2.19 12.25 -33.84
N TYR A 223 -1.13 13.06 -33.97
CA TYR A 223 -1.03 14.27 -33.16
C TYR A 223 -2.11 15.31 -33.51
N ILE A 224 -2.48 15.42 -34.79
CA ILE A 224 -3.58 16.33 -35.14
C ILE A 224 -4.90 15.86 -34.53
N HIS A 225 -5.13 14.54 -34.51
CA HIS A 225 -6.33 14.04 -33.83
C HIS A 225 -6.26 14.19 -32.32
N ILE A 226 -5.06 14.08 -31.72
CA ILE A 226 -4.91 14.36 -30.29
C ILE A 226 -5.23 15.82 -29.98
N SER A 227 -4.75 16.75 -30.81
CA SER A 227 -5.02 18.16 -30.57
C SER A 227 -6.48 18.50 -30.82
N LEU A 228 -7.17 17.76 -31.69
CA LEU A 228 -8.60 17.96 -31.83
C LEU A 228 -9.36 17.37 -30.64
N ALA A 229 -9.00 16.17 -30.22
CA ALA A 229 -9.73 15.41 -29.22
C ALA A 229 -9.40 15.82 -27.79
N SER A 230 -8.69 16.92 -27.59
CA SER A 230 -8.38 17.39 -26.24
C SER A 230 -9.20 18.60 -25.85
N ARG A 231 -9.96 19.17 -26.78
CA ARG A 231 -10.84 20.28 -26.46
C ARG A 231 -12.00 19.75 -25.63
N SER A 232 -12.49 20.56 -24.71
CA SER A 232 -13.54 20.09 -23.81
C SER A 232 -14.83 19.89 -24.59
N ARG A 233 -15.43 18.70 -24.47
CA ARG A 233 -16.71 18.41 -25.09
C ARG A 233 -17.85 18.59 -24.10
N VAL A 234 -17.55 18.57 -22.81
CA VAL A 234 -18.51 18.86 -21.76
C VAL A 234 -18.81 20.35 -21.70
N ALA A 254 -10.29 27.13 -23.62
CA ALA A 254 -9.44 26.73 -24.73
C ALA A 254 -7.98 26.69 -24.30
N ALA A 255 -7.74 26.93 -23.01
CA ALA A 255 -6.38 26.98 -22.47
C ALA A 255 -5.68 25.62 -22.58
N ARG A 256 -6.40 24.55 -22.24
CA ARG A 256 -5.85 23.19 -22.33
C ARG A 256 -5.49 22.84 -23.77
N GLU A 257 -6.40 23.16 -24.70
CA GLU A 257 -6.16 22.89 -26.11
C GLU A 257 -5.00 23.71 -26.64
N ARG A 258 -4.91 24.99 -26.23
CA ARG A 258 -3.79 25.85 -26.61
C ARG A 258 -2.45 25.29 -26.14
N LYS A 259 -2.37 24.87 -24.87
CA LYS A 259 -1.10 24.37 -24.35
C LYS A 259 -0.71 23.04 -24.98
N VAL A 260 -1.66 22.11 -25.12
CA VAL A 260 -1.32 20.84 -25.75
C VAL A 260 -1.00 21.02 -27.23
N THR A 261 -1.65 21.95 -27.93
CA THR A 261 -1.32 22.20 -29.33
C THR A 261 0.06 22.83 -29.46
N ARG A 262 0.47 23.66 -28.50
CA ARG A 262 1.83 24.18 -28.49
C ARG A 262 2.85 23.07 -28.26
N THR A 263 2.53 22.11 -27.39
CA THR A 263 3.43 20.99 -27.15
C THR A 263 3.53 20.09 -28.38
N ILE A 264 2.39 19.81 -29.04
CA ILE A 264 2.35 19.03 -30.28
C ILE A 264 3.21 19.70 -31.35
N PHE A 265 3.01 21.01 -31.55
CA PHE A 265 3.75 21.76 -32.55
C PHE A 265 5.25 21.74 -32.27
N ALA A 266 5.64 21.84 -30.98
CA ALA A 266 7.05 21.78 -30.63
C ALA A 266 7.66 20.42 -30.93
N ILE A 267 7.02 19.34 -30.46
CA ILE A 267 7.59 18.01 -30.64
C ILE A 267 7.48 17.51 -32.08
N LEU A 268 6.67 18.16 -32.92
CA LEU A 268 6.60 17.76 -34.31
C LEU A 268 7.58 18.57 -35.16
N LEU A 269 7.71 19.86 -34.85
CA LEU A 269 8.66 20.70 -35.55
C LEU A 269 10.09 20.30 -35.28
N ALA A 270 10.39 19.83 -34.05
CA ALA A 270 11.72 19.32 -33.74
C ALA A 270 12.07 18.11 -34.60
N PHE A 271 11.14 17.15 -34.67
CA PHE A 271 11.35 15.93 -35.47
C PHE A 271 11.53 16.25 -36.95
N ILE A 272 10.73 17.18 -37.48
CA ILE A 272 10.80 17.47 -38.91
C ILE A 272 12.09 18.22 -39.23
N LEU A 273 12.38 19.30 -38.49
CA LEU A 273 13.61 20.07 -38.73
C LEU A 273 14.89 19.29 -38.47
N THR A 274 14.85 18.21 -37.70
CA THR A 274 16.07 17.44 -37.54
C THR A 274 16.17 16.17 -38.37
N TRP A 275 15.07 15.64 -38.91
CA TRP A 275 15.21 14.47 -39.77
C TRP A 275 15.03 14.73 -41.26
N THR A 276 14.31 15.77 -41.66
CA THR A 276 14.04 16.01 -43.08
C THR A 276 15.29 16.25 -43.96
N PRO A 277 16.28 17.14 -43.59
CA PRO A 277 17.45 17.35 -44.48
C PRO A 277 18.20 16.11 -44.96
N TYR A 278 18.60 15.23 -44.03
CA TYR A 278 19.35 14.04 -44.41
C TYR A 278 18.52 13.13 -45.31
N ASN A 279 17.23 12.97 -44.99
CA ASN A 279 16.37 12.09 -45.77
C ASN A 279 16.19 12.60 -47.19
N VAL A 280 16.04 13.91 -47.37
CA VAL A 280 15.89 14.39 -48.75
C VAL A 280 17.26 14.38 -49.46
N MET A 281 18.37 14.51 -48.73
CA MET A 281 19.67 14.33 -49.39
C MET A 281 19.93 12.87 -49.74
N VAL A 282 19.35 11.93 -48.98
CA VAL A 282 19.40 10.52 -49.35
C VAL A 282 18.61 10.31 -50.64
N LEU A 283 17.44 10.92 -50.74
CA LEU A 283 16.61 10.73 -51.93
C LEU A 283 17.11 11.50 -53.14
N VAL A 284 18.09 12.38 -52.98
CA VAL A 284 18.67 13.05 -54.14
C VAL A 284 20.03 12.41 -54.47
N ASN A 285 20.69 11.83 -53.46
CA ASN A 285 22.00 11.21 -53.69
C ASN A 285 21.86 9.90 -54.45
N THR A 286 20.68 9.30 -54.46
CA THR A 286 20.51 8.05 -55.19
C THR A 286 20.46 8.30 -56.69
N PHE A 287 20.20 9.56 -57.10
CA PHE A 287 20.27 9.94 -58.50
C PHE A 287 21.54 10.75 -58.73
N CYS A 288 21.51 12.03 -58.35
CA CYS A 288 22.68 12.92 -58.41
C CYS A 288 23.57 12.79 -57.18
N GLN A 289 24.48 11.82 -57.20
CA GLN A 289 25.49 11.73 -56.15
C GLN A 289 26.43 12.95 -56.18
N SER A 290 26.75 13.43 -57.39
CA SER A 290 27.63 14.58 -57.58
C SER A 290 27.08 15.89 -57.00
N CYS A 291 25.76 16.06 -57.00
CA CYS A 291 25.12 17.33 -56.65
C CYS A 291 25.44 17.80 -55.23
N ILE A 292 25.38 16.90 -54.25
CA ILE A 292 25.44 17.28 -52.84
C ILE A 292 26.90 17.25 -52.39
N PRO A 293 27.43 18.35 -51.88
CA PRO A 293 28.80 18.35 -51.35
C PRO A 293 28.91 17.58 -50.04
N ASP A 294 30.16 17.28 -49.69
CA ASP A 294 30.47 16.53 -48.46
C ASP A 294 30.00 17.27 -47.22
N THR A 295 30.12 18.61 -47.22
CA THR A 295 29.82 19.41 -46.05
C THR A 295 28.33 19.42 -45.73
N VAL A 296 27.48 19.65 -46.73
CA VAL A 296 26.03 19.69 -46.52
C VAL A 296 25.51 18.32 -46.09
N TRP A 297 26.11 17.26 -46.63
CA TRP A 297 25.87 15.89 -46.17
C TRP A 297 26.18 15.74 -44.67
N SER A 298 27.36 16.23 -44.27
CA SER A 298 27.77 16.14 -42.87
C SER A 298 26.83 16.92 -41.95
N ILE A 299 26.36 18.09 -42.41
CA ILE A 299 25.44 18.91 -41.63
C ILE A 299 24.10 18.19 -41.43
N GLY A 300 23.57 17.57 -42.49
CA GLY A 300 22.32 16.81 -42.33
C GLY A 300 22.47 15.62 -41.40
N TYR A 301 23.60 14.90 -41.51
CA TYR A 301 23.89 13.78 -40.62
C TYR A 301 23.95 14.26 -39.17
N TRP A 302 24.55 15.43 -38.98
CA TRP A 302 24.66 15.99 -37.65
C TRP A 302 23.32 16.47 -37.11
N LEU A 303 22.41 16.95 -37.96
CA LEU A 303 21.09 17.35 -37.48
C LEU A 303 20.27 16.16 -37.01
N CYS A 304 20.41 15.04 -37.71
CA CYS A 304 19.79 13.80 -37.24
C CYS A 304 20.39 13.38 -35.90
N TYR A 305 21.67 13.68 -35.67
CA TYR A 305 22.22 13.43 -34.34
C TYR A 305 21.63 14.39 -33.30
N VAL A 306 21.48 15.67 -33.66
CA VAL A 306 20.93 16.75 -32.81
C VAL A 306 19.55 16.39 -32.26
N ASN A 307 18.74 15.67 -33.06
CA ASN A 307 17.42 15.20 -32.60
C ASN A 307 17.47 14.42 -31.28
N SER A 308 18.53 13.66 -31.05
CA SER A 308 18.63 12.88 -29.82
C SER A 308 18.99 13.76 -28.64
N THR A 309 19.68 14.88 -28.90
CA THR A 309 19.98 15.83 -27.85
C THR A 309 18.72 16.59 -27.45
N ILE A 310 17.90 16.97 -28.41
CA ILE A 310 16.71 17.76 -28.08
C ILE A 310 15.51 16.92 -27.67
N ASN A 311 15.57 15.59 -27.81
CA ASN A 311 14.44 14.75 -27.43
C ASN A 311 14.06 14.78 -25.93
N PRO A 312 14.99 14.83 -24.94
CA PRO A 312 14.52 14.98 -23.54
C PRO A 312 13.76 16.27 -23.27
N ALA A 313 14.20 17.39 -23.84
CA ALA A 313 13.54 18.68 -23.59
C ALA A 313 12.11 18.69 -24.13
N CYS A 314 11.93 18.24 -25.36
CA CYS A 314 10.58 18.21 -25.94
C CYS A 314 9.71 17.10 -25.33
N TYR A 315 10.27 15.98 -24.88
CA TYR A 315 9.42 14.93 -24.33
C TYR A 315 9.37 14.90 -22.80
N ALA A 316 10.52 14.69 -22.14
CA ALA A 316 10.52 14.54 -20.69
C ALA A 316 10.17 15.85 -19.97
N LEU A 317 10.87 16.93 -20.30
CA LEU A 317 10.75 18.21 -19.59
C LEU A 317 9.37 18.87 -19.72
N CYS A 318 8.52 18.45 -20.66
CA CYS A 318 7.16 18.98 -20.67
C CYS A 318 6.35 18.51 -19.46
N ASN A 319 6.68 17.34 -18.92
CA ASN A 319 6.13 16.94 -17.64
C ASN A 319 6.75 17.77 -16.53
N ALA A 320 5.93 18.29 -15.62
CA ALA A 320 6.44 19.16 -14.56
C ALA A 320 7.19 18.37 -13.50
N THR A 321 6.81 17.10 -13.30
CA THR A 321 7.49 16.26 -12.34
C THR A 321 8.93 15.97 -12.78
N PHE A 322 9.13 15.79 -14.07
CA PHE A 322 10.48 15.68 -14.62
C PHE A 322 11.30 16.93 -14.39
N LYS A 323 10.69 18.11 -14.49
CA LYS A 323 11.43 19.34 -14.22
C LYS A 323 11.73 19.50 -12.72
N LYS A 324 10.86 18.97 -11.86
CA LYS A 324 11.15 19.01 -10.43
C LYS A 324 12.25 18.03 -10.06
N THR A 325 12.30 16.88 -10.73
CA THR A 325 13.38 15.92 -10.47
C THR A 325 14.69 16.40 -11.08
N PHE A 326 14.63 17.05 -12.25
CA PHE A 326 15.83 17.65 -12.84
C PHE A 326 16.35 18.83 -12.03
N ARG A 327 15.45 19.56 -11.38
CA ARG A 327 15.87 20.61 -10.45
C ARG A 327 16.64 20.00 -9.27
N HIS A 328 16.21 18.82 -8.80
CA HIS A 328 16.87 18.12 -7.71
C HIS A 328 18.12 17.39 -8.24
N LEU A 329 19.13 18.20 -8.56
CA LEU A 329 20.46 17.76 -9.00
C LEU A 329 20.46 16.82 -10.22
N GLU B 12 -25.76 30.17 40.67
CA GLU B 12 -25.97 30.76 39.36
C GLU B 12 -24.89 30.32 38.37
N LEU B 13 -25.18 30.55 37.08
CA LEU B 13 -24.21 30.27 36.02
C LEU B 13 -22.90 31.02 36.22
N ASP B 14 -22.98 32.34 36.42
CA ASP B 14 -21.79 33.18 36.61
C ASP B 14 -20.99 32.77 37.85
N GLN B 15 -21.69 32.41 38.93
CA GLN B 15 -21.02 31.99 40.15
C GLN B 15 -20.24 30.70 39.93
N LEU B 16 -20.83 29.74 39.21
CA LEU B 16 -20.13 28.50 38.88
C LEU B 16 -18.96 28.75 37.94
N ARG B 17 -19.11 29.67 36.98
CA ARG B 17 -17.99 30.02 36.10
C ARG B 17 -16.84 30.67 36.87
N GLN B 18 -17.17 31.52 37.86
CA GLN B 18 -16.16 32.11 38.73
C GLN B 18 -15.46 31.05 39.57
N GLU B 19 -16.24 30.09 40.08
CA GLU B 19 -15.67 28.98 40.84
C GLU B 19 -14.73 28.14 39.96
N ALA B 20 -15.12 27.91 38.70
CA ALA B 20 -14.27 27.17 37.78
C ALA B 20 -12.96 27.90 37.51
N GLU B 21 -13.03 29.23 37.32
CA GLU B 21 -11.81 30.02 37.14
C GLU B 21 -10.92 29.99 38.37
N GLN B 22 -11.53 30.04 39.56
CA GLN B 22 -10.79 29.95 40.81
C GLN B 22 -10.09 28.60 40.95
N LEU B 23 -10.79 27.51 40.61
CA LEU B 23 -10.20 26.18 40.67
C LEU B 23 -9.08 26.00 39.65
N LYS B 24 -9.21 26.61 38.46
CA LYS B 24 -8.12 26.56 37.49
C LYS B 24 -6.90 27.31 37.99
N ASN B 25 -7.12 28.46 38.65
CA ASN B 25 -6.00 29.18 39.26
C ASN B 25 -5.36 28.39 40.39
N GLN B 26 -6.18 27.69 41.19
CA GLN B 26 -5.67 26.81 42.23
C GLN B 26 -4.83 25.68 41.66
N ILE B 27 -5.30 25.05 40.59
CA ILE B 27 -4.57 23.97 39.94
C ILE B 27 -3.24 24.46 39.38
N ARG B 28 -3.26 25.65 38.75
CA ARG B 28 -2.03 26.22 38.19
C ARG B 28 -1.04 26.60 39.29
N ASP B 29 -1.52 27.12 40.42
CA ASP B 29 -0.63 27.48 41.51
C ASP B 29 -0.06 26.24 42.20
N ALA B 30 -0.86 25.18 42.32
CA ALA B 30 -0.35 23.94 42.88
C ALA B 30 0.66 23.26 41.96
N ARG B 31 0.46 23.38 40.65
CA ARG B 31 1.44 22.86 39.70
C ARG B 31 2.73 23.67 39.75
N LYS B 32 2.64 24.99 39.87
CA LYS B 32 3.84 25.82 39.91
C LYS B 32 4.55 25.71 41.26
N ALA B 33 3.83 25.29 42.31
CA ALA B 33 4.42 25.20 43.63
C ALA B 33 5.43 24.07 43.71
N CYS B 34 5.08 22.91 43.18
CA CYS B 34 6.00 21.76 43.15
C CYS B 34 6.74 21.68 41.82
N ALA B 35 7.33 22.79 41.38
CA ALA B 35 8.12 22.85 40.15
C ALA B 35 9.49 23.45 40.46
N ASP B 36 10.22 22.80 41.36
CA ASP B 36 11.50 23.33 41.84
C ASP B 36 12.56 23.40 40.75
N ALA B 37 12.67 22.37 39.91
CA ALA B 37 13.70 22.33 38.89
C ALA B 37 13.12 21.73 37.61
N THR B 38 13.76 22.05 36.49
CA THR B 38 13.36 21.50 35.21
C THR B 38 14.07 20.17 34.97
N LEU B 39 13.54 19.42 33.99
CA LEU B 39 14.18 18.16 33.59
C LEU B 39 15.57 18.40 33.02
N SER B 40 15.77 19.51 32.31
CA SER B 40 17.07 19.82 31.74
C SER B 40 18.11 20.21 32.79
N GLN B 41 17.66 20.71 33.95
CA GLN B 41 18.60 21.08 35.00
C GLN B 41 19.19 19.89 35.73
N ILE B 42 18.62 18.70 35.58
CA ILE B 42 19.12 17.52 36.26
C ILE B 42 19.81 16.57 35.29
N THR B 43 19.35 16.51 34.05
CA THR B 43 19.92 15.64 33.03
C THR B 43 21.11 16.28 32.33
N ASN B 44 21.44 17.53 32.66
CA ASN B 44 22.56 18.25 32.06
C ASN B 44 23.90 17.54 32.22
N ASN B 45 24.06 16.69 33.23
CA ASN B 45 25.35 16.06 33.50
C ASN B 45 25.49 14.66 32.91
N ILE B 46 24.44 14.07 32.35
CA ILE B 46 24.55 12.73 31.82
C ILE B 46 25.04 12.81 30.38
N ASP B 47 25.55 11.69 29.89
CA ASP B 47 26.14 11.64 28.56
C ASP B 47 25.05 11.71 27.50
N PRO B 48 25.29 12.41 26.40
CA PRO B 48 24.37 12.34 25.27
C PRO B 48 24.47 10.99 24.59
N VAL B 49 23.41 10.62 23.90
CA VAL B 49 23.36 9.31 23.25
C VAL B 49 24.17 9.26 21.96
N GLY B 50 24.68 10.39 21.49
CA GLY B 50 25.45 10.42 20.27
C GLY B 50 24.55 10.37 19.05
N ARG B 51 25.19 10.24 17.89
CA ARG B 51 24.44 10.14 16.65
C ARG B 51 23.84 8.75 16.53
N ILE B 52 22.53 8.69 16.31
CA ILE B 52 21.80 7.45 16.15
C ILE B 52 21.53 7.28 14.67
N GLN B 53 22.14 6.27 14.06
CA GLN B 53 21.94 5.99 12.65
C GLN B 53 21.25 4.63 12.51
N MET B 54 20.04 4.65 11.96
CA MET B 54 19.26 3.44 11.72
C MET B 54 19.09 3.30 10.22
N ARG B 55 19.34 2.12 9.70
CA ARG B 55 19.24 1.84 8.28
C ARG B 55 18.02 0.98 8.00
N THR B 56 17.35 1.26 6.88
CA THR B 56 16.20 0.47 6.43
C THR B 56 16.59 -0.97 6.18
N ARG B 57 16.05 -1.89 6.97
CA ARG B 57 16.33 -3.31 6.85
C ARG B 57 15.32 -4.02 5.97
N ARG B 58 14.04 -3.74 6.15
CA ARG B 58 12.98 -4.39 5.40
C ARG B 58 12.01 -3.33 4.89
N THR B 59 11.72 -3.36 3.60
CA THR B 59 10.68 -2.54 3.01
C THR B 59 9.51 -3.44 2.63
N LEU B 60 8.30 -3.08 3.06
CA LEU B 60 7.11 -3.90 2.85
C LEU B 60 6.31 -3.30 1.69
N ARG B 61 6.48 -3.89 0.51
CA ARG B 61 5.88 -3.40 -0.73
C ARG B 61 4.57 -4.11 -1.06
N GLY B 62 3.54 -3.88 -0.25
CA GLY B 62 2.28 -4.52 -0.58
C GLY B 62 1.03 -3.66 -0.67
N HIS B 63 1.10 -2.42 -0.23
CA HIS B 63 -0.07 -1.56 -0.14
C HIS B 63 -0.13 -0.68 -1.38
N LEU B 64 -1.34 -0.47 -1.91
CA LEU B 64 -1.50 0.29 -3.13
C LEU B 64 -2.14 1.65 -2.88
N ALA B 65 -2.09 2.14 -1.64
CA ALA B 65 -2.63 3.45 -1.27
C ALA B 65 -2.01 3.85 0.05
N LYS B 66 -2.39 5.03 0.54
CA LYS B 66 -1.82 5.60 1.77
C LYS B 66 -2.06 4.69 2.96
N ILE B 67 -0.99 4.37 3.68
CA ILE B 67 -1.09 3.64 4.94
C ILE B 67 -1.44 4.61 6.04
N TYR B 68 -2.46 4.27 6.83
CA TYR B 68 -2.90 5.17 7.89
C TYR B 68 -2.57 4.69 9.28
N ALA B 69 -2.39 3.39 9.48
CA ALA B 69 -1.99 2.90 10.79
C ALA B 69 -1.23 1.60 10.64
N MET B 70 -0.52 1.25 11.71
CA MET B 70 0.21 0.01 11.82
C MET B 70 0.32 -0.31 13.29
N HIS B 71 0.28 -1.59 13.63
CA HIS B 71 0.50 -1.99 15.01
C HIS B 71 1.33 -3.26 15.02
N TRP B 72 2.19 -3.38 16.02
CA TRP B 72 3.05 -4.53 16.18
C TRP B 72 2.37 -5.59 17.01
N GLY B 73 2.72 -6.84 16.73
CA GLY B 73 2.30 -7.91 17.61
C GLY B 73 3.18 -7.98 18.83
N THR B 74 2.67 -8.63 19.89
CA THR B 74 3.45 -8.80 21.11
C THR B 74 4.71 -9.61 20.89
N ASP B 75 4.65 -10.60 19.99
CA ASP B 75 5.82 -11.44 19.70
C ASP B 75 6.95 -10.70 18.99
N SER B 76 6.68 -9.48 18.49
CA SER B 76 7.60 -8.53 17.86
C SER B 76 8.01 -8.96 16.45
N ARG B 77 7.35 -9.97 15.90
CA ARG B 77 7.60 -10.43 14.54
C ARG B 77 6.50 -10.03 13.57
N LEU B 78 5.24 -10.22 13.95
CA LEU B 78 4.13 -9.91 13.08
C LEU B 78 3.66 -8.49 13.28
N LEU B 79 3.23 -7.85 12.20
CA LEU B 79 2.72 -6.49 12.28
C LEU B 79 1.52 -6.36 11.35
N VAL B 80 0.48 -5.72 11.84
CA VAL B 80 -0.69 -5.44 11.02
C VAL B 80 -0.55 -4.02 10.48
N SER B 81 -1.08 -3.78 9.29
CA SER B 81 -1.05 -2.45 8.70
C SER B 81 -2.32 -2.20 7.93
N ALA B 82 -2.88 -1.00 8.08
CA ALA B 82 -4.16 -0.66 7.48
C ALA B 82 -3.95 0.41 6.42
N SER B 83 -4.46 0.18 5.20
CA SER B 83 -4.37 1.24 4.21
C SER B 83 -5.76 1.49 3.63
N GLN B 84 -5.88 2.60 2.91
CA GLN B 84 -7.17 3.04 2.39
C GLN B 84 -7.53 2.43 1.04
N ASP B 85 -6.81 1.40 0.61
CA ASP B 85 -7.24 0.62 -0.53
C ASP B 85 -8.26 -0.45 -0.13
N GLY B 86 -8.65 -0.46 1.14
CA GLY B 86 -9.56 -1.44 1.68
C GLY B 86 -8.89 -2.68 2.22
N LYS B 87 -7.57 -2.65 2.42
CA LYS B 87 -6.85 -3.84 2.79
C LYS B 87 -6.14 -3.66 4.12
N LEU B 88 -6.35 -4.62 5.02
CA LEU B 88 -5.62 -4.71 6.27
C LEU B 88 -4.67 -5.89 6.08
N ILE B 89 -3.36 -5.65 6.16
CA ILE B 89 -2.39 -6.68 5.82
C ILE B 89 -1.54 -7.05 7.03
N ILE B 90 -1.49 -8.34 7.35
CA ILE B 90 -0.63 -8.86 8.40
C ILE B 90 0.65 -9.36 7.75
N TRP B 91 1.79 -8.89 8.27
CA TRP B 91 3.13 -9.06 7.71
C TRP B 91 4.05 -9.80 8.66
N ASP B 92 4.81 -10.73 8.11
CA ASP B 92 5.92 -11.38 8.80
C ASP B 92 7.13 -10.49 8.54
N SER B 93 7.52 -9.68 9.53
CA SER B 93 8.55 -8.68 9.30
C SER B 93 9.95 -9.27 9.16
N TYR B 94 10.18 -10.50 9.61
CA TYR B 94 11.50 -11.09 9.48
C TYR B 94 11.80 -11.51 8.04
N THR B 95 10.79 -11.96 7.31
CA THR B 95 10.95 -12.48 5.97
C THR B 95 10.27 -11.63 4.90
N THR B 96 9.64 -10.51 5.29
CA THR B 96 8.80 -9.64 4.44
C THR B 96 7.65 -10.41 3.79
N ASN B 97 7.21 -11.49 4.43
CA ASN B 97 6.12 -12.27 3.85
C ASN B 97 4.80 -11.56 4.11
N LYS B 98 3.73 -12.12 3.58
CA LYS B 98 2.39 -11.63 3.88
C LYS B 98 1.64 -12.78 4.51
N VAL B 99 1.28 -12.61 5.78
CA VAL B 99 0.58 -13.70 6.45
C VAL B 99 -0.89 -13.62 6.12
N HIS B 100 -1.44 -12.40 6.08
CA HIS B 100 -2.86 -12.28 5.80
C HIS B 100 -3.12 -11.00 5.04
N ALA B 101 -4.18 -11.02 4.23
CA ALA B 101 -4.72 -9.82 3.62
C ALA B 101 -6.23 -9.86 3.80
N ILE B 102 -6.77 -8.88 4.50
CA ILE B 102 -8.16 -8.84 4.91
C ILE B 102 -8.84 -7.74 4.13
N PRO B 103 -9.85 -8.04 3.32
CA PRO B 103 -10.62 -6.98 2.66
C PRO B 103 -11.61 -6.37 3.64
N LEU B 104 -11.65 -5.05 3.69
CA LEU B 104 -12.51 -4.34 4.61
C LEU B 104 -13.80 -3.95 3.90
N ARG B 105 -14.90 -3.94 4.68
CA ARG B 105 -16.18 -3.50 4.15
C ARG B 105 -16.16 -2.02 3.80
N SER B 106 -15.58 -1.21 4.67
CA SER B 106 -15.39 0.22 4.42
C SER B 106 -13.90 0.49 4.26
N SER B 107 -13.53 1.10 3.15
CA SER B 107 -12.12 1.32 2.85
C SER B 107 -11.55 2.55 3.55
N TRP B 108 -12.36 3.29 4.30
CA TRP B 108 -11.89 4.53 4.92
C TRP B 108 -11.36 4.26 6.34
N VAL B 109 -10.42 3.34 6.42
CA VAL B 109 -9.86 2.94 7.70
C VAL B 109 -8.82 3.97 8.14
N MET B 110 -8.95 4.44 9.38
CA MET B 110 -7.98 5.34 9.97
C MET B 110 -7.18 4.75 11.13
N THR B 111 -7.55 3.57 11.64
CA THR B 111 -6.75 2.95 12.68
C THR B 111 -6.78 1.43 12.59
N CYS B 112 -5.81 0.81 13.25
CA CYS B 112 -5.77 -0.63 13.34
C CYS B 112 -5.06 -1.03 14.62
N ALA B 113 -5.46 -2.18 15.17
CA ALA B 113 -4.88 -2.68 16.40
C ALA B 113 -4.66 -4.17 16.26
N TYR B 114 -3.65 -4.67 16.99
CA TYR B 114 -3.33 -6.09 17.03
C TYR B 114 -3.48 -6.54 18.48
N ALA B 115 -4.29 -7.58 18.69
CA ALA B 115 -4.56 -8.07 20.03
C ALA B 115 -3.28 -8.60 20.68
N PRO B 116 -3.14 -8.48 22.00
CA PRO B 116 -1.94 -9.02 22.66
C PRO B 116 -1.83 -10.52 22.58
N SER B 117 -2.96 -11.24 22.52
CA SER B 117 -2.91 -12.68 22.31
C SER B 117 -2.54 -13.04 20.88
N GLY B 118 -2.77 -12.14 19.92
CA GLY B 118 -2.53 -12.42 18.54
C GLY B 118 -3.69 -13.06 17.79
N ASN B 119 -4.81 -13.29 18.47
CA ASN B 119 -5.94 -13.95 17.84
C ASN B 119 -6.82 -13.01 17.04
N TYR B 120 -6.80 -11.72 17.35
CA TYR B 120 -7.71 -10.79 16.71
C TYR B 120 -6.95 -9.58 16.21
N VAL B 121 -7.53 -8.94 15.20
CA VAL B 121 -7.15 -7.57 14.85
C VAL B 121 -8.41 -6.74 14.85
N ALA B 122 -8.22 -5.43 14.88
CA ALA B 122 -9.34 -4.51 14.81
C ALA B 122 -9.01 -3.40 13.84
N CYS B 123 -10.04 -2.76 13.34
CA CYS B 123 -9.82 -1.56 12.55
C CYS B 123 -11.10 -0.74 12.60
N GLY B 124 -11.02 0.48 12.07
CA GLY B 124 -12.17 1.34 12.04
C GLY B 124 -11.78 2.63 11.38
N GLY B 125 -12.76 3.52 11.24
CA GLY B 125 -12.48 4.77 10.59
C GLY B 125 -13.71 5.61 10.40
N LEU B 126 -13.87 6.14 9.18
CA LEU B 126 -14.97 7.03 8.86
C LEU B 126 -16.33 6.34 8.81
N ASP B 127 -16.38 5.00 8.94
CA ASP B 127 -17.65 4.31 8.97
C ASP B 127 -18.34 4.29 10.33
N ASN B 128 -17.70 4.81 11.40
CA ASN B 128 -18.24 4.89 12.76
C ASN B 128 -18.35 3.52 13.42
N ILE B 129 -17.64 2.51 12.90
CA ILE B 129 -17.70 1.14 13.40
C ILE B 129 -16.30 0.59 13.60
N CYS B 130 -16.06 -0.03 14.76
CA CYS B 130 -14.82 -0.76 15.03
C CYS B 130 -15.07 -2.23 14.72
N SER B 131 -14.40 -2.75 13.70
CA SER B 131 -14.55 -4.13 13.28
C SER B 131 -13.46 -4.99 13.90
N ILE B 132 -13.87 -6.10 14.51
CA ILE B 132 -13.00 -7.07 15.15
C ILE B 132 -12.95 -8.31 14.27
N TYR B 133 -11.77 -8.64 13.79
CA TYR B 133 -11.52 -9.77 12.90
C TYR B 133 -10.82 -10.89 13.65
N ASN B 134 -11.36 -12.10 13.54
CA ASN B 134 -10.77 -13.30 14.13
C ASN B 134 -9.77 -13.88 13.14
N LEU B 135 -8.55 -14.13 13.61
CA LEU B 135 -7.50 -14.64 12.74
C LEU B 135 -7.38 -16.15 12.77
N LYS B 136 -7.71 -16.77 13.89
CA LYS B 136 -7.48 -18.20 14.10
C LYS B 136 -8.82 -18.91 14.07
N THR B 137 -9.28 -19.26 12.87
CA THR B 137 -10.53 -19.95 12.65
C THR B 137 -10.27 -21.33 12.06
N ARG B 138 -11.25 -22.21 12.20
CA ARG B 138 -11.16 -23.54 11.62
C ARG B 138 -11.28 -23.52 10.10
N GLU B 139 -11.92 -22.50 9.55
CA GLU B 139 -12.11 -22.40 8.11
C GLU B 139 -10.90 -21.87 7.37
N GLY B 140 -9.87 -21.42 8.08
CA GLY B 140 -8.62 -21.03 7.46
C GLY B 140 -8.60 -19.63 6.88
N ASN B 141 -9.71 -18.92 6.89
CA ASN B 141 -9.75 -17.53 6.47
C ASN B 141 -9.97 -16.63 7.67
N VAL B 142 -9.95 -15.33 7.43
CA VAL B 142 -10.18 -14.32 8.45
C VAL B 142 -11.58 -13.78 8.25
N ARG B 143 -12.41 -13.87 9.29
CA ARG B 143 -13.78 -13.39 9.23
C ARG B 143 -14.00 -12.29 10.25
N VAL B 144 -15.08 -11.53 10.04
CA VAL B 144 -15.44 -10.46 10.96
C VAL B 144 -16.08 -11.13 12.17
N SER B 145 -15.40 -11.08 13.31
CA SER B 145 -16.00 -11.68 14.49
C SER B 145 -16.99 -10.74 15.15
N ARG B 146 -16.82 -9.43 14.98
CA ARG B 146 -17.69 -8.49 15.66
C ARG B 146 -17.62 -7.16 14.92
N GLU B 147 -18.70 -6.37 15.03
CA GLU B 147 -18.70 -4.98 14.59
C GLU B 147 -19.32 -4.12 15.67
N LEU B 148 -18.53 -3.22 16.23
CA LEU B 148 -18.94 -2.39 17.36
C LEU B 148 -19.41 -1.06 16.82
N ALA B 149 -20.67 -0.72 17.09
CA ALA B 149 -21.27 0.53 16.65
C ALA B 149 -21.85 1.24 17.85
N GLY B 150 -21.93 2.57 17.75
CA GLY B 150 -22.38 3.38 18.86
C GLY B 150 -21.68 4.71 18.90
N HIS B 151 -20.53 4.80 18.23
CA HIS B 151 -19.86 6.06 18.05
C HIS B 151 -20.56 6.86 16.96
N THR B 152 -20.67 8.17 17.16
CA THR B 152 -21.35 9.03 16.20
C THR B 152 -20.39 9.90 15.40
N GLY B 153 -19.08 9.74 15.60
CA GLY B 153 -18.08 10.35 14.76
C GLY B 153 -17.08 9.30 14.29
N TYR B 154 -16.14 9.73 13.46
CA TYR B 154 -15.14 8.84 12.91
C TYR B 154 -14.29 8.25 14.05
N LEU B 155 -13.88 7.01 13.90
CA LEU B 155 -13.16 6.29 14.95
C LEU B 155 -11.65 6.42 14.70
N SER B 156 -10.95 7.14 15.58
CA SER B 156 -9.56 7.53 15.36
C SER B 156 -8.52 6.53 15.88
N CYS B 157 -8.74 5.92 17.04
CA CYS B 157 -7.76 5.02 17.59
C CYS B 157 -8.44 3.91 18.38
N CYS B 158 -7.93 2.68 18.25
CA CYS B 158 -8.46 1.56 19.00
C CYS B 158 -7.28 0.76 19.55
N ARG B 159 -7.45 0.22 20.75
CA ARG B 159 -6.40 -0.56 21.40
C ARG B 159 -7.04 -1.65 22.23
N PHE B 160 -6.54 -2.87 22.10
CA PHE B 160 -7.08 -3.98 22.86
C PHE B 160 -6.56 -3.93 24.30
N LEU B 161 -7.43 -4.30 25.24
CA LEU B 161 -6.99 -4.60 26.60
C LEU B 161 -6.65 -6.08 26.71
N ASP B 162 -7.58 -6.91 26.30
CA ASP B 162 -7.44 -8.36 26.26
C ASP B 162 -8.24 -8.80 25.05
N ASP B 163 -8.56 -10.10 24.97
CA ASP B 163 -9.39 -10.58 23.87
C ASP B 163 -10.80 -10.01 23.92
N ASN B 164 -11.36 -9.84 25.12
CA ASN B 164 -12.76 -9.44 25.22
C ASN B 164 -12.99 -7.95 25.41
N GLN B 165 -11.96 -7.14 25.66
CA GLN B 165 -12.18 -5.73 25.92
C GLN B 165 -11.35 -4.87 24.98
N ILE B 166 -11.97 -3.83 24.43
CA ILE B 166 -11.26 -2.90 23.57
C ILE B 166 -11.61 -1.47 24.00
N VAL B 167 -10.68 -0.54 23.76
CA VAL B 167 -10.90 0.88 24.02
C VAL B 167 -10.77 1.62 22.70
N THR B 168 -11.82 2.34 22.33
CA THR B 168 -11.83 3.13 21.11
C THR B 168 -11.96 4.60 21.47
N SER B 169 -11.42 5.45 20.61
CA SER B 169 -11.55 6.90 20.75
C SER B 169 -12.04 7.49 19.44
N SER B 170 -13.18 8.15 19.47
CA SER B 170 -13.75 8.63 18.23
C SER B 170 -13.71 10.15 18.13
N GLY B 171 -14.19 10.64 16.99
CA GLY B 171 -14.37 12.02 16.64
C GLY B 171 -15.64 12.65 17.14
N ASP B 172 -16.39 11.97 18.02
CA ASP B 172 -17.50 12.57 18.72
C ASP B 172 -17.13 13.02 20.13
N THR B 173 -15.87 13.40 20.31
CA THR B 173 -15.26 13.89 21.56
C THR B 173 -15.37 12.90 22.71
N THR B 174 -15.57 11.61 22.43
CA THR B 174 -15.70 10.61 23.47
C THR B 174 -14.77 9.44 23.22
N CYS B 175 -14.47 8.73 24.31
CA CYS B 175 -13.84 7.42 24.25
C CYS B 175 -14.81 6.39 24.78
N ALA B 176 -14.59 5.13 24.45
CA ALA B 176 -15.50 4.08 24.87
C ALA B 176 -14.74 2.80 25.13
N LEU B 177 -15.06 2.15 26.25
CA LEU B 177 -14.57 0.82 26.56
C LEU B 177 -15.68 -0.17 26.25
N TRP B 178 -15.39 -1.09 25.33
CA TRP B 178 -16.34 -2.05 24.79
C TRP B 178 -16.02 -3.45 25.30
N ASP B 179 -17.08 -4.18 25.63
CA ASP B 179 -17.02 -5.63 25.76
C ASP B 179 -17.35 -6.23 24.40
N ILE B 180 -16.42 -7.00 23.84
CA ILE B 180 -16.52 -7.43 22.46
C ILE B 180 -17.63 -8.48 22.27
N GLU B 181 -17.74 -9.42 23.20
CA GLU B 181 -18.64 -10.55 22.95
C GLU B 181 -20.11 -10.19 23.12
N THR B 182 -20.44 -9.19 23.94
CA THR B 182 -21.80 -8.66 23.90
C THR B 182 -21.95 -7.60 22.81
N GLY B 183 -20.93 -6.79 22.59
CA GLY B 183 -20.99 -5.74 21.59
C GLY B 183 -21.45 -4.40 22.10
N GLN B 184 -21.51 -4.20 23.41
CA GLN B 184 -22.02 -2.98 24.01
C GLN B 184 -20.90 -2.21 24.69
N GLN B 185 -21.03 -0.88 24.71
CA GLN B 185 -20.12 -0.02 25.44
C GLN B 185 -20.25 -0.29 26.93
N THR B 186 -19.21 -0.87 27.53
CA THR B 186 -19.19 -1.02 28.98
C THR B 186 -19.05 0.34 29.66
N THR B 187 -18.20 1.21 29.12
CA THR B 187 -17.95 2.50 29.74
C THR B 187 -17.84 3.56 28.65
N THR B 188 -18.33 4.77 28.93
CA THR B 188 -18.14 5.92 28.06
C THR B 188 -17.34 6.98 28.80
N PHE B 189 -16.27 7.46 28.18
CA PHE B 189 -15.39 8.47 28.75
C PHE B 189 -15.67 9.78 28.04
N THR B 190 -16.23 10.74 28.76
CA THR B 190 -16.58 12.04 28.22
C THR B 190 -15.81 13.13 28.97
N GLY B 191 -15.65 14.26 28.31
CA GLY B 191 -14.93 15.37 28.92
C GLY B 191 -14.10 16.17 27.94
N HIS B 192 -13.68 15.53 26.84
CA HIS B 192 -12.99 16.27 25.79
C HIS B 192 -13.99 17.13 25.03
N THR B 193 -13.53 18.31 24.60
CA THR B 193 -14.36 19.21 23.81
C THR B 193 -13.93 19.28 22.36
N GLY B 194 -13.04 18.39 21.92
CA GLY B 194 -12.63 18.31 20.54
C GLY B 194 -12.51 16.86 20.12
N ASP B 195 -12.16 16.68 18.83
CA ASP B 195 -12.08 15.34 18.27
C ASP B 195 -10.89 14.60 18.89
N VAL B 196 -11.17 13.51 19.59
CA VAL B 196 -10.10 12.73 20.20
C VAL B 196 -9.38 11.97 19.10
N MET B 197 -8.08 12.23 18.95
CA MET B 197 -7.35 11.76 17.79
C MET B 197 -6.50 10.53 18.06
N SER B 198 -6.11 10.29 19.30
CA SER B 198 -5.29 9.13 19.61
C SER B 198 -5.50 8.76 21.07
N LEU B 199 -5.09 7.53 21.39
CA LEU B 199 -5.04 7.09 22.77
C LEU B 199 -3.82 6.20 22.94
N SER B 200 -3.45 5.97 24.20
CA SER B 200 -2.36 5.06 24.52
C SER B 200 -2.68 4.40 25.85
N LEU B 201 -2.46 3.09 25.89
CA LEU B 201 -2.72 2.33 27.10
C LEU B 201 -1.46 2.24 27.95
N ALA B 202 -1.65 2.29 29.28
CA ALA B 202 -0.56 2.08 30.19
C ALA B 202 -0.11 0.61 30.12
N PRO B 203 1.14 0.32 30.53
CA PRO B 203 1.59 -1.08 30.55
C PRO B 203 0.78 -1.99 31.46
N ASP B 204 0.20 -1.47 32.55
CA ASP B 204 -0.66 -2.29 33.39
C ASP B 204 -2.11 -2.37 32.91
N THR B 205 -2.46 -1.59 31.87
CA THR B 205 -3.80 -1.53 31.25
C THR B 205 -4.89 -1.25 32.28
N ARG B 206 -4.67 -0.22 33.09
CA ARG B 206 -5.67 0.30 34.01
C ARG B 206 -5.97 1.76 33.80
N LEU B 207 -5.00 2.52 33.30
CA LEU B 207 -5.16 3.92 32.95
C LEU B 207 -4.85 4.08 31.48
N PHE B 208 -5.56 4.98 30.80
CA PHE B 208 -5.16 5.33 29.44
C PHE B 208 -5.27 6.83 29.24
N VAL B 209 -4.35 7.36 28.45
CA VAL B 209 -4.36 8.78 28.13
C VAL B 209 -4.94 8.94 26.74
N SER B 210 -5.54 10.10 26.50
CA SER B 210 -6.11 10.42 25.21
C SER B 210 -5.84 11.88 24.88
N GLY B 211 -5.43 12.14 23.64
CA GLY B 211 -5.18 13.49 23.17
C GLY B 211 -6.22 13.86 22.13
N ALA B 212 -6.76 15.08 22.26
CA ALA B 212 -7.87 15.51 21.43
C ALA B 212 -7.51 16.78 20.67
N CYS B 213 -8.51 17.35 19.99
CA CYS B 213 -8.34 18.56 19.20
C CYS B 213 -8.74 19.81 19.98
N ASP B 214 -8.71 19.76 21.31
CA ASP B 214 -8.76 20.96 22.13
C ASP B 214 -7.43 21.22 22.83
N ALA B 215 -6.33 20.69 22.28
CA ALA B 215 -4.95 20.88 22.75
C ALA B 215 -4.75 20.41 24.18
N SER B 216 -5.51 19.41 24.60
CA SER B 216 -5.40 18.88 25.95
C SER B 216 -5.41 17.36 25.91
N ALA B 217 -4.66 16.76 26.82
CA ALA B 217 -4.65 15.33 27.01
C ALA B 217 -5.33 15.01 28.34
N LYS B 218 -5.96 13.85 28.41
CA LYS B 218 -6.64 13.46 29.64
C LYS B 218 -6.25 12.04 30.01
N LEU B 219 -6.14 11.80 31.31
CA LEU B 219 -5.85 10.49 31.85
C LEU B 219 -7.14 9.92 32.42
N TRP B 220 -7.48 8.69 32.01
CA TRP B 220 -8.72 8.07 32.40
C TRP B 220 -8.44 6.77 33.11
N ASP B 221 -9.22 6.51 34.16
CA ASP B 221 -9.20 5.22 34.84
C ASP B 221 -10.21 4.31 34.15
N VAL B 222 -9.74 3.16 33.68
CA VAL B 222 -10.60 2.22 32.96
C VAL B 222 -11.70 1.68 33.87
N ARG B 223 -11.34 1.33 35.11
CA ARG B 223 -12.29 0.73 36.03
C ARG B 223 -13.38 1.70 36.48
N GLU B 224 -12.99 2.94 36.80
CA GLU B 224 -13.95 3.90 37.33
C GLU B 224 -14.59 4.79 36.28
N GLY B 225 -14.06 4.79 35.06
CA GLY B 225 -14.64 5.59 33.99
C GLY B 225 -14.62 7.09 34.19
N MET B 226 -13.64 7.62 34.91
CA MET B 226 -13.58 9.03 35.20
C MET B 226 -12.22 9.61 34.79
N CYS B 227 -12.22 10.90 34.46
CA CYS B 227 -11.01 11.59 34.09
C CYS B 227 -10.26 12.00 35.36
N ARG B 228 -9.03 11.54 35.51
CA ARG B 228 -8.28 11.88 36.72
C ARG B 228 -7.49 13.17 36.56
N GLN B 229 -6.75 13.31 35.47
CA GLN B 229 -5.89 14.48 35.29
C GLN B 229 -6.06 15.01 33.88
N THR B 230 -5.99 16.32 33.75
CA THR B 230 -6.00 17.01 32.46
C THR B 230 -4.69 17.75 32.28
N PHE B 231 -4.05 17.56 31.14
CA PHE B 231 -2.76 18.13 30.84
C PHE B 231 -2.91 19.07 29.66
N THR B 232 -2.50 20.32 29.86
CA THR B 232 -2.51 21.32 28.81
C THR B 232 -1.08 21.76 28.52
N GLY B 233 -0.94 22.59 27.49
CA GLY B 233 0.37 23.10 27.14
C GLY B 233 0.59 23.18 25.64
N HIS B 234 -0.10 22.35 24.89
CA HIS B 234 -0.02 22.43 23.45
C HIS B 234 -0.85 23.61 22.94
N GLU B 235 -0.51 24.08 21.76
CA GLU B 235 -1.20 25.21 21.14
C GLU B 235 -2.02 24.78 19.92
N SER B 236 -2.14 23.47 19.67
CA SER B 236 -2.88 22.98 18.52
C SER B 236 -3.31 21.54 18.82
N ASP B 237 -3.94 20.93 17.81
CA ASP B 237 -4.47 19.58 17.91
C ASP B 237 -3.40 18.56 18.27
N ILE B 238 -3.70 17.67 19.20
CA ILE B 238 -2.79 16.63 19.62
C ILE B 238 -3.06 15.40 18.76
N ASN B 239 -2.15 15.11 17.83
CA ASN B 239 -2.39 14.05 16.86
C ASN B 239 -1.89 12.69 17.32
N ALA B 240 -1.08 12.62 18.36
CA ALA B 240 -0.47 11.37 18.78
C ALA B 240 -0.13 11.45 20.25
N ILE B 241 -0.04 10.28 20.88
CA ILE B 241 0.28 10.19 22.31
C ILE B 241 0.81 8.79 22.56
N CYS B 242 1.68 8.66 23.57
CA CYS B 242 2.31 7.38 23.87
C CYS B 242 2.85 7.43 25.30
N PHE B 243 2.59 6.39 26.07
CA PHE B 243 3.17 6.28 27.40
C PHE B 243 4.68 6.04 27.38
N PHE B 244 5.34 6.57 28.41
CA PHE B 244 6.65 6.11 28.80
C PHE B 244 6.57 4.65 29.25
N PRO B 245 7.62 3.86 29.06
CA PRO B 245 7.53 2.41 29.35
C PRO B 245 7.25 2.04 30.80
N ASN B 246 7.53 2.91 31.78
CA ASN B 246 7.16 2.55 33.15
C ASN B 246 5.75 2.98 33.51
N GLY B 247 5.07 3.73 32.64
CA GLY B 247 3.71 4.13 32.87
C GLY B 247 3.52 5.35 33.74
N ASN B 248 4.59 6.05 34.10
CA ASN B 248 4.50 7.22 34.95
C ASN B 248 4.66 8.53 34.20
N ALA B 249 4.75 8.48 32.87
CA ALA B 249 4.89 9.66 32.04
C ALA B 249 4.36 9.33 30.66
N PHE B 250 4.13 10.36 29.87
CA PHE B 250 3.73 10.14 28.48
C PHE B 250 4.22 11.29 27.62
N ALA B 251 4.19 11.08 26.31
CA ALA B 251 4.64 12.07 25.35
C ALA B 251 3.57 12.26 24.30
N THR B 252 3.34 13.52 23.92
CA THR B 252 2.32 13.89 22.96
C THR B 252 2.95 14.59 21.77
N GLY B 253 2.44 14.32 20.59
CA GLY B 253 2.83 15.02 19.38
C GLY B 253 1.66 15.85 18.89
N SER B 254 1.94 17.03 18.34
CA SER B 254 0.88 17.96 18.01
C SER B 254 1.15 18.62 16.67
N ASP B 255 0.22 19.50 16.27
CA ASP B 255 0.29 20.22 15.01
C ASP B 255 1.16 21.47 15.08
N ASP B 256 1.55 21.93 16.27
CA ASP B 256 2.43 23.09 16.39
C ASP B 256 3.90 22.71 16.43
N ALA B 257 4.26 21.58 15.81
CA ALA B 257 5.63 21.13 15.56
C ALA B 257 6.41 20.86 16.84
N THR B 258 5.72 20.59 17.95
CA THR B 258 6.37 20.27 19.21
C THR B 258 5.89 18.93 19.71
N CYS B 259 6.80 18.16 20.28
CA CYS B 259 6.42 17.04 21.13
C CYS B 259 6.59 17.49 22.58
N ARG B 260 5.81 16.89 23.47
CA ARG B 260 5.92 17.28 24.87
C ARG B 260 5.88 16.05 25.75
N LEU B 261 6.71 16.07 26.78
CA LEU B 261 6.77 15.00 27.77
C LEU B 261 6.12 15.52 29.04
N PHE B 262 5.01 14.89 29.42
CA PHE B 262 4.23 15.17 30.62
C PHE B 262 4.45 14.06 31.63
N ASP B 263 4.34 14.41 32.91
CA ASP B 263 4.50 13.45 33.99
C ASP B 263 3.18 13.29 34.74
N LEU B 264 2.83 12.05 35.06
CA LEU B 264 1.56 11.78 35.72
C LEU B 264 1.57 12.21 37.18
N ARG B 265 2.65 11.88 37.90
CA ARG B 265 2.69 12.14 39.33
C ARG B 265 2.95 13.62 39.64
N ALA B 266 3.68 14.32 38.78
CA ALA B 266 3.94 15.73 38.99
C ALA B 266 2.90 16.63 38.34
N ASP B 267 2.00 16.05 37.53
CA ASP B 267 0.86 16.73 36.90
C ASP B 267 1.30 17.88 36.00
N GLN B 268 2.48 17.76 35.38
CA GLN B 268 3.07 18.88 34.67
C GLN B 268 3.73 18.42 33.39
N GLU B 269 3.85 19.36 32.46
CA GLU B 269 4.79 19.21 31.36
C GLU B 269 6.21 19.17 31.90
N LEU B 270 6.99 18.21 31.40
CA LEU B 270 8.39 18.11 31.79
C LEU B 270 9.32 18.65 30.71
N MET B 271 9.07 18.30 29.45
CA MET B 271 10.02 18.65 28.40
C MET B 271 9.28 19.03 27.13
N THR B 272 9.86 19.96 26.37
CA THR B 272 9.39 20.29 25.04
C THR B 272 10.47 19.94 24.02
N TYR B 273 10.09 19.17 23.01
CA TYR B 273 10.98 18.74 21.94
C TYR B 273 10.57 19.51 20.70
N SER B 274 11.38 20.52 20.34
CA SER B 274 11.11 21.35 19.19
C SER B 274 12.41 21.91 18.66
N HIS B 275 12.45 22.13 17.35
CA HIS B 275 13.60 22.72 16.70
C HIS B 275 13.11 23.79 15.75
N ASP B 276 13.95 24.81 15.53
CA ASP B 276 13.58 25.94 14.67
C ASP B 276 13.35 25.50 13.24
N ASN B 277 14.16 24.55 12.74
CA ASN B 277 14.05 24.05 11.38
C ASN B 277 12.89 23.06 11.20
N ILE B 278 12.01 22.92 12.17
CA ILE B 278 10.88 22.00 12.13
C ILE B 278 9.60 22.82 12.28
N ILE B 279 8.73 22.74 11.28
CA ILE B 279 7.49 23.51 11.30
C ILE B 279 6.31 22.60 11.00
N CYS B 280 6.59 21.39 10.51
CA CYS B 280 5.52 20.46 10.19
C CYS B 280 4.98 19.80 11.45
N GLY B 281 3.81 19.18 11.31
CA GLY B 281 3.14 18.61 12.46
C GLY B 281 3.50 17.16 12.67
N ILE B 282 3.35 16.72 13.93
CA ILE B 282 3.67 15.37 14.33
C ILE B 282 2.42 14.52 14.13
N THR B 283 2.57 13.35 13.51
CA THR B 283 1.46 12.43 13.35
C THR B 283 1.60 11.15 14.17
N SER B 284 2.78 10.86 14.71
CA SER B 284 2.99 9.61 15.43
C SER B 284 4.17 9.76 16.37
N VAL B 285 4.01 9.34 17.62
CA VAL B 285 5.11 9.30 18.56
C VAL B 285 5.21 7.90 19.12
N SER B 286 6.42 7.53 19.54
CA SER B 286 6.66 6.29 20.25
C SER B 286 7.99 6.41 20.98
N PHE B 287 8.15 5.58 22.00
CA PHE B 287 9.38 5.51 22.77
C PHE B 287 10.17 4.27 22.38
N SER B 288 11.45 4.27 22.75
CA SER B 288 12.22 3.03 22.68
C SER B 288 11.90 2.18 23.90
N LYS B 289 12.61 1.04 24.03
CA LYS B 289 12.28 0.10 25.10
C LYS B 289 12.69 0.66 26.46
N SER B 290 13.83 1.33 26.54
CA SER B 290 14.25 1.95 27.79
C SER B 290 13.62 3.31 28.02
N GLY B 291 13.04 3.92 26.98
CA GLY B 291 12.49 5.25 27.09
C GLY B 291 13.48 6.36 26.86
N ARG B 292 14.72 6.05 26.52
CA ARG B 292 15.72 7.09 26.30
C ARG B 292 15.49 7.81 24.97
N LEU B 293 15.04 7.10 23.95
CA LEU B 293 14.75 7.71 22.67
C LEU B 293 13.26 7.95 22.52
N LEU B 294 12.90 9.10 21.96
CA LEU B 294 11.53 9.41 21.58
C LEU B 294 11.50 9.59 20.09
N LEU B 295 10.76 8.73 19.39
CA LEU B 295 10.71 8.79 17.93
C LEU B 295 9.42 9.48 17.53
N ALA B 296 9.51 10.37 16.55
CA ALA B 296 8.33 11.13 16.15
C ALA B 296 8.27 11.25 14.64
N GLY B 297 7.12 10.93 14.06
CA GLY B 297 6.91 11.08 12.64
C GLY B 297 6.27 12.42 12.33
N TYR B 298 6.77 13.07 11.27
CA TYR B 298 6.39 14.43 10.92
C TYR B 298 5.79 14.48 9.53
N ASP B 299 5.29 15.67 9.15
CA ASP B 299 4.74 15.86 7.81
C ASP B 299 5.80 16.28 6.83
N ASP B 300 7.06 16.43 7.28
CA ASP B 300 8.18 16.73 6.41
C ASP B 300 8.78 15.48 5.80
N PHE B 301 8.02 14.38 5.79
CA PHE B 301 8.34 13.08 5.22
C PHE B 301 9.45 12.36 6.00
N ASN B 302 9.82 12.84 7.17
CA ASN B 302 10.95 12.30 7.92
C ASN B 302 10.57 12.06 9.38
N CYS B 303 11.25 11.08 9.97
CA CYS B 303 11.11 10.77 11.38
C CYS B 303 12.30 11.32 12.14
N ASN B 304 12.06 11.83 13.34
CA ASN B 304 13.12 12.41 14.16
C ASN B 304 13.23 11.63 15.45
N VAL B 305 14.46 11.28 15.81
CA VAL B 305 14.77 10.55 17.04
C VAL B 305 15.37 11.54 18.01
N TRP B 306 14.66 11.78 19.11
CA TRP B 306 15.02 12.76 20.13
C TRP B 306 15.59 12.05 21.34
N ASP B 307 16.65 12.62 21.90
CA ASP B 307 17.07 12.24 23.24
C ASP B 307 15.98 12.70 24.20
N ALA B 308 15.21 11.75 24.74
CA ALA B 308 14.04 12.10 25.53
C ALA B 308 14.40 12.72 26.87
N LEU B 309 15.63 12.58 27.33
CA LEU B 309 16.06 13.21 28.57
C LEU B 309 16.80 14.51 28.35
N LYS B 310 17.19 14.83 27.12
CA LYS B 310 17.98 16.03 26.87
C LYS B 310 17.43 16.92 25.77
N ALA B 311 16.39 16.48 25.04
CA ALA B 311 15.71 17.24 23.98
C ALA B 311 16.67 17.68 22.87
N ASP B 312 17.61 16.82 22.52
CA ASP B 312 18.46 17.02 21.36
C ASP B 312 18.04 16.03 20.29
N ARG B 313 17.96 16.51 19.04
CA ARG B 313 17.60 15.62 17.94
C ARG B 313 18.77 14.69 17.68
N ALA B 314 18.66 13.46 18.19
CA ALA B 314 19.76 12.51 18.08
C ALA B 314 19.90 11.97 16.67
N GLY B 315 18.80 11.83 15.93
CA GLY B 315 18.92 11.25 14.61
C GLY B 315 17.72 11.54 13.74
N VAL B 316 17.86 11.20 12.46
CA VAL B 316 16.81 11.38 11.48
C VAL B 316 16.64 10.08 10.71
N LEU B 317 15.41 9.58 10.63
CA LEU B 317 15.04 8.44 9.80
C LEU B 317 14.35 9.01 8.57
N ALA B 318 15.11 9.15 7.49
CA ALA B 318 14.63 9.80 6.27
C ALA B 318 14.59 8.75 5.17
N GLY B 319 13.42 8.17 4.93
CA GLY B 319 13.30 7.15 3.91
C GLY B 319 11.99 7.11 3.18
N HIS B 320 11.10 8.05 3.46
CA HIS B 320 9.76 8.04 2.88
C HIS B 320 9.58 9.24 1.94
N ASP B 321 8.75 9.04 0.92
CA ASP B 321 8.47 10.07 -0.07
C ASP B 321 7.16 10.80 0.19
N ASN B 322 6.48 10.49 1.30
CA ASN B 322 5.28 11.20 1.69
C ASN B 322 5.24 11.23 3.21
N ARG B 323 4.15 11.75 3.76
CA ARG B 323 4.01 11.97 5.19
C ARG B 323 4.08 10.65 5.96
N VAL B 324 4.85 10.63 7.03
CA VAL B 324 4.97 9.45 7.88
C VAL B 324 3.73 9.41 8.75
N SER B 325 2.77 8.57 8.39
CA SER B 325 1.49 8.58 9.07
C SER B 325 1.49 7.77 10.35
N CYS B 326 2.30 6.72 10.44
CA CYS B 326 2.22 5.85 11.60
C CYS B 326 3.59 5.29 11.93
N LEU B 327 3.76 4.87 13.18
CA LEU B 327 5.07 4.54 13.70
C LEU B 327 4.90 3.65 14.92
N GLY B 328 5.76 2.66 15.05
CA GLY B 328 5.68 1.74 16.17
C GLY B 328 7.02 1.13 16.49
N VAL B 329 7.21 0.80 17.76
CA VAL B 329 8.41 0.15 18.24
C VAL B 329 8.01 -1.17 18.87
N THR B 330 8.76 -2.24 18.56
CA THR B 330 8.46 -3.58 19.05
C THR B 330 8.56 -3.66 20.58
N ASP B 331 7.99 -4.73 21.12
CA ASP B 331 8.06 -4.96 22.56
C ASP B 331 9.49 -5.23 23.01
N ASP B 332 10.26 -5.98 22.23
CA ASP B 332 11.65 -6.22 22.59
C ASP B 332 12.57 -5.09 22.17
N GLY B 333 12.04 -4.04 21.56
CA GLY B 333 12.83 -2.88 21.17
C GLY B 333 13.80 -3.09 20.04
N MET B 334 13.71 -4.21 19.31
CA MET B 334 14.71 -4.47 18.27
C MET B 334 14.52 -3.65 17.00
N ALA B 335 13.33 -3.15 16.71
CA ALA B 335 13.13 -2.47 15.43
C ALA B 335 12.03 -1.43 15.53
N VAL B 336 12.09 -0.46 14.62
CA VAL B 336 11.08 0.58 14.49
C VAL B 336 10.41 0.43 13.13
N ALA B 337 9.08 0.35 13.11
CA ALA B 337 8.38 0.29 11.85
C ALA B 337 7.68 1.60 11.60
N THR B 338 7.93 2.19 10.44
CA THR B 338 7.28 3.42 10.03
C THR B 338 6.42 3.14 8.81
N GLY B 339 5.23 3.69 8.80
CA GLY B 339 4.34 3.59 7.65
C GLY B 339 4.01 4.98 7.17
N SER B 340 3.91 5.13 5.86
CA SER B 340 3.78 6.44 5.26
C SER B 340 2.69 6.45 4.18
N TRP B 341 2.33 7.66 3.77
CA TRP B 341 1.33 7.89 2.74
C TRP B 341 1.77 7.50 1.32
N ASP B 342 3.03 7.12 1.12
CA ASP B 342 3.49 6.69 -0.19
C ASP B 342 3.40 5.19 -0.35
N SER B 343 2.70 4.51 0.58
CA SER B 343 2.34 3.08 0.62
C SER B 343 3.42 2.09 1.04
N PHE B 344 4.52 2.51 1.65
CA PHE B 344 5.59 1.58 1.96
C PHE B 344 5.86 1.62 3.46
N LEU B 345 5.78 0.47 4.11
CA LEU B 345 6.28 0.39 5.48
C LEU B 345 7.76 0.08 5.42
N LYS B 346 8.49 0.61 6.39
CA LYS B 346 9.91 0.36 6.47
C LYS B 346 10.28 -0.03 7.89
N ILE B 347 11.15 -1.03 8.00
CA ILE B 347 11.66 -1.47 9.28
C ILE B 347 13.04 -0.86 9.44
N TRP B 348 13.27 -0.17 10.55
CA TRP B 348 14.52 0.52 10.78
C TRP B 348 15.24 -0.13 11.96
N ASN B 349 16.57 -0.18 11.86
CA ASN B 349 17.41 -0.73 12.91
C ASN B 349 18.82 -0.19 12.79
N ALA C 6 -30.41 25.17 31.33
CA ALA C 6 -29.86 24.49 30.15
C ALA C 6 -28.44 24.00 30.41
N SER C 7 -27.51 24.95 30.50
CA SER C 7 -26.11 24.63 30.74
C SER C 7 -25.72 24.75 32.20
N ILE C 8 -26.69 24.65 33.12
CA ILE C 8 -26.35 24.70 34.54
C ILE C 8 -25.75 23.37 34.98
N ALA C 9 -26.19 22.25 34.39
CA ALA C 9 -25.63 20.95 34.74
C ALA C 9 -24.25 20.76 34.14
N GLN C 10 -24.02 21.35 32.96
CA GLN C 10 -22.68 21.36 32.37
C GLN C 10 -21.70 22.09 33.27
N ALA C 11 -22.12 23.23 33.82
CA ALA C 11 -21.26 24.00 34.72
C ALA C 11 -21.02 23.25 36.03
N ARG C 12 -22.06 22.62 36.58
CA ARG C 12 -21.91 21.84 37.80
C ARG C 12 -20.99 20.64 37.60
N LYS C 13 -21.07 19.99 36.43
CA LYS C 13 -20.19 18.86 36.17
C LYS C 13 -18.76 19.32 35.90
N LEU C 14 -18.58 20.50 35.31
CA LEU C 14 -17.25 21.03 35.08
C LEU C 14 -16.56 21.41 36.40
N VAL C 15 -17.30 22.09 37.29
CA VAL C 15 -16.69 22.42 38.58
C VAL C 15 -16.50 21.18 39.44
N GLU C 16 -17.34 20.15 39.27
CA GLU C 16 -17.11 18.90 40.00
C GLU C 16 -15.85 18.20 39.50
N GLN C 17 -15.63 18.21 38.18
CA GLN C 17 -14.41 17.64 37.62
C GLN C 17 -13.18 18.41 38.07
N LEU C 18 -13.28 19.74 38.16
CA LEU C 18 -12.14 20.52 38.65
C LEU C 18 -11.89 20.29 40.14
N LYS C 19 -12.93 20.09 40.95
CA LYS C 19 -12.70 19.75 42.35
C LYS C 19 -12.11 18.36 42.51
N MET C 20 -12.42 17.43 41.59
CA MET C 20 -11.76 16.13 41.65
C MET C 20 -10.32 16.20 41.17
N GLU C 21 -10.01 17.09 40.21
CA GLU C 21 -8.64 17.17 39.72
C GLU C 21 -7.74 18.00 40.63
N ALA C 22 -8.31 18.93 41.40
CA ALA C 22 -7.49 19.84 42.18
C ALA C 22 -6.97 19.23 43.48
N ASN C 23 -7.47 18.07 43.89
CA ASN C 23 -7.13 17.49 45.18
C ASN C 23 -6.35 16.19 45.06
N ILE C 24 -5.56 16.04 44.00
CA ILE C 24 -4.61 14.94 43.94
C ILE C 24 -3.29 15.43 44.50
N ASP C 25 -2.50 14.50 45.04
CA ASP C 25 -1.20 14.85 45.58
C ASP C 25 -0.15 14.86 44.47
N ARG C 26 0.67 15.90 44.47
CA ARG C 26 1.67 16.10 43.42
C ARG C 26 3.06 16.05 44.05
N ILE C 27 3.88 15.11 43.57
CA ILE C 27 5.28 15.05 43.95
C ILE C 27 6.05 16.13 43.19
N LYS C 28 7.28 16.41 43.64
CA LYS C 28 8.11 17.43 43.02
C LYS C 28 8.51 17.02 41.61
N VAL C 29 8.87 18.02 40.80
CA VAL C 29 9.27 17.73 39.43
C VAL C 29 10.68 17.14 39.41
N SER C 30 11.53 17.55 40.35
CA SER C 30 12.87 16.95 40.48
C SER C 30 12.80 15.46 40.82
N LYS C 31 11.81 15.05 41.60
CA LYS C 31 11.69 13.64 41.96
C LYS C 31 11.24 12.80 40.76
N ALA C 32 10.28 13.31 39.99
CA ALA C 32 9.83 12.60 38.79
C ALA C 32 10.91 12.57 37.72
N ALA C 33 11.71 13.65 37.63
CA ALA C 33 12.84 13.68 36.71
C ALA C 33 13.89 12.66 37.10
N ALA C 34 14.17 12.54 38.40
CA ALA C 34 15.10 11.54 38.88
C ALA C 34 14.58 10.12 38.64
N ASP C 35 13.27 9.93 38.74
CA ASP C 35 12.69 8.61 38.45
C ASP C 35 12.80 8.25 36.96
N LEU C 36 12.57 9.24 36.09
CA LEU C 36 12.74 8.98 34.65
C LEU C 36 14.18 8.70 34.29
N MET C 37 15.12 9.42 34.92
CA MET C 37 16.55 9.12 34.75
C MET C 37 16.90 7.73 35.24
N ALA C 38 16.37 7.34 36.40
CA ALA C 38 16.68 6.02 36.97
C ALA C 38 16.14 4.91 36.09
N TYR C 39 14.96 5.11 35.51
CA TYR C 39 14.44 4.10 34.58
C TYR C 39 15.24 4.07 33.29
N CYS C 40 15.65 5.23 32.77
CA CYS C 40 16.40 5.24 31.53
C CYS C 40 17.82 4.70 31.69
N GLU C 41 18.38 4.77 32.88
CA GLU C 41 19.71 4.23 33.12
C GLU C 41 19.69 2.76 33.53
N ALA C 42 18.67 2.34 34.29
CA ALA C 42 18.59 0.94 34.71
C ALA C 42 18.21 0.01 33.57
N HIS C 43 17.67 0.52 32.47
CA HIS C 43 17.27 -0.30 31.33
C HIS C 43 18.07 0.03 30.08
N ALA C 44 19.22 0.69 30.22
CA ALA C 44 19.97 1.14 29.05
C ALA C 44 20.63 -0.02 28.31
N LYS C 45 20.93 -1.12 29.02
CA LYS C 45 21.57 -2.26 28.38
C LYS C 45 20.61 -3.02 27.48
N GLU C 46 19.32 -2.96 27.77
CA GLU C 46 18.30 -3.72 27.08
C GLU C 46 17.61 -2.93 25.96
N ASP C 47 18.21 -1.83 25.53
CA ASP C 47 17.65 -1.02 24.45
C ASP C 47 18.50 -1.26 23.20
N PRO C 48 18.01 -2.02 22.23
CA PRO C 48 18.82 -2.30 21.03
C PRO C 48 18.93 -1.14 20.08
N LEU C 49 18.12 -0.09 20.23
CA LEU C 49 18.15 1.03 19.30
C LEU C 49 19.18 2.04 19.76
N LEU C 50 19.36 2.15 21.08
CA LEU C 50 20.39 3.01 21.64
C LEU C 50 21.77 2.42 21.37
N THR C 51 21.91 1.14 21.65
CA THR C 51 23.19 0.43 21.55
C THR C 51 23.06 -0.65 20.48
N PRO C 52 23.61 -0.45 19.29
CA PRO C 52 23.35 -1.39 18.17
C PRO C 52 23.98 -2.74 18.45
N VAL C 53 23.14 -3.78 18.50
CA VAL C 53 23.56 -5.17 18.68
C VAL C 53 24.29 -5.64 17.43
N PRO C 54 25.20 -6.61 17.51
CA PRO C 54 25.88 -7.10 16.32
C PRO C 54 24.94 -7.86 15.39
N ALA C 55 25.46 -8.23 14.22
CA ALA C 55 24.67 -8.87 13.19
C ALA C 55 24.30 -10.32 13.52
N SER C 56 24.84 -10.89 14.59
CA SER C 56 24.52 -12.26 14.95
C SER C 56 23.14 -12.34 15.62
N GLU C 57 22.88 -11.45 16.59
CA GLU C 57 21.67 -11.49 17.40
C GLU C 57 20.62 -10.51 16.92
N ASN C 58 20.78 -9.95 15.73
CA ASN C 58 19.81 -9.02 15.16
C ASN C 58 19.02 -9.80 14.11
N PRO C 59 17.70 -9.95 14.25
CA PRO C 59 16.96 -10.75 13.27
C PRO C 59 16.68 -10.04 11.96
N PHE C 60 16.91 -8.74 11.89
CA PHE C 60 16.74 -8.00 10.64
C PHE C 60 18.09 -7.75 9.99
N ARG C 61 19.03 -8.68 10.19
CA ARG C 61 20.42 -8.53 9.77
C ARG C 61 20.58 -8.41 8.25
N GLU C 62 19.91 -9.26 7.50
CA GLU C 62 20.12 -9.32 6.05
C GLU C 62 18.93 -8.85 5.24
N ASP D 1 -19.01 -26.73 9.54
CA ASP D 1 -18.24 -27.87 10.05
C ASP D 1 -17.26 -28.36 8.99
N VAL D 2 -16.03 -28.61 9.41
CA VAL D 2 -14.97 -29.00 8.48
C VAL D 2 -15.08 -30.49 8.20
N GLN D 3 -15.14 -30.86 6.92
CA GLN D 3 -15.23 -32.26 6.51
C GLN D 3 -14.49 -32.47 5.20
N LEU D 4 -13.77 -33.58 5.14
CA LEU D 4 -13.18 -34.11 3.90
C LEU D 4 -13.70 -35.52 3.75
N VAL D 5 -14.38 -35.80 2.64
CA VAL D 5 -14.97 -37.11 2.38
C VAL D 5 -14.33 -37.70 1.14
N GLU D 6 -13.78 -38.90 1.27
CA GLU D 6 -13.10 -39.56 0.16
C GLU D 6 -14.01 -40.59 -0.49
N SER D 7 -13.94 -40.67 -1.80
CA SER D 7 -14.74 -41.61 -2.57
C SER D 7 -13.92 -42.07 -3.76
N GLY D 8 -14.31 -43.22 -4.31
CA GLY D 8 -13.64 -43.78 -5.47
C GLY D 8 -12.89 -45.06 -5.20
N GLY D 9 -12.83 -45.51 -3.96
CA GLY D 9 -12.13 -46.75 -3.66
C GLY D 9 -12.93 -47.97 -4.06
N GLY D 10 -12.30 -49.12 -3.92
CA GLY D 10 -12.91 -50.37 -4.32
C GLY D 10 -11.84 -51.36 -4.70
N LEU D 11 -12.26 -52.42 -5.40
CA LEU D 11 -11.37 -53.48 -5.83
C LEU D 11 -10.98 -53.23 -7.27
N VAL D 12 -9.68 -53.15 -7.54
CA VAL D 12 -9.14 -52.82 -8.85
C VAL D 12 -8.13 -53.90 -9.23
N GLN D 13 -8.23 -54.40 -10.46
CA GLN D 13 -7.27 -55.38 -10.96
C GLN D 13 -5.91 -54.72 -11.16
N PRO D 14 -4.81 -55.47 -11.01
CA PRO D 14 -3.47 -54.88 -11.16
C PRO D 14 -3.21 -54.40 -12.57
N GLY D 15 -2.44 -53.32 -12.68
CA GLY D 15 -2.21 -52.66 -13.94
C GLY D 15 -3.32 -51.73 -14.38
N GLY D 16 -4.40 -51.62 -13.59
CA GLY D 16 -5.55 -50.83 -13.97
C GLY D 16 -5.38 -49.36 -13.65
N SER D 17 -6.51 -48.67 -13.57
CA SER D 17 -6.52 -47.25 -13.21
C SER D 17 -7.76 -46.98 -12.36
N ARG D 18 -7.64 -45.95 -11.52
CA ARG D 18 -8.72 -45.57 -10.63
C ARG D 18 -8.49 -44.13 -10.21
N LYS D 19 -9.58 -43.38 -10.04
CA LYS D 19 -9.50 -41.98 -9.69
C LYS D 19 -10.21 -41.76 -8.36
N LEU D 20 -9.50 -41.20 -7.40
CA LEU D 20 -10.03 -40.92 -6.08
C LEU D 20 -10.43 -39.45 -5.99
N SER D 21 -11.53 -39.19 -5.31
CA SER D 21 -12.02 -37.83 -5.10
C SER D 21 -12.14 -37.55 -3.62
N CYS D 22 -11.88 -36.31 -3.26
CA CYS D 22 -11.97 -35.82 -1.89
C CYS D 22 -12.82 -34.56 -1.95
N SER D 23 -14.04 -34.66 -1.43
CA SER D 23 -14.95 -33.52 -1.38
C SER D 23 -14.77 -32.80 -0.07
N ALA D 24 -14.54 -31.49 -0.15
CA ALA D 24 -14.23 -30.67 1.00
C ALA D 24 -15.38 -29.72 1.27
N SER D 25 -15.89 -29.73 2.50
CA SER D 25 -16.97 -28.84 2.88
C SER D 25 -16.63 -28.18 4.20
N GLY D 26 -17.00 -26.91 4.33
CA GLY D 26 -16.91 -26.22 5.60
C GLY D 26 -15.63 -25.47 5.86
N PHE D 27 -14.79 -25.26 4.85
CA PHE D 27 -13.61 -24.41 5.01
C PHE D 27 -13.22 -23.83 3.66
N ALA D 28 -12.39 -22.79 3.70
CA ALA D 28 -11.92 -22.15 2.48
C ALA D 28 -10.92 -23.03 1.78
N PHE D 29 -11.40 -23.84 0.82
CA PHE D 29 -10.58 -24.91 0.23
C PHE D 29 -9.42 -24.38 -0.61
N SER D 30 -9.60 -23.24 -1.28
CA SER D 30 -8.61 -22.77 -2.23
C SER D 30 -7.34 -22.23 -1.57
N SER D 31 -7.34 -22.03 -0.25
CA SER D 31 -6.17 -21.52 0.46
C SER D 31 -5.46 -22.58 1.27
N PHE D 32 -5.84 -23.85 1.13
CA PHE D 32 -5.20 -24.95 1.82
C PHE D 32 -4.43 -25.79 0.81
N GLY D 33 -3.18 -26.09 1.12
CA GLY D 33 -2.49 -27.15 0.43
C GLY D 33 -3.06 -28.50 0.82
N MET D 34 -3.01 -29.45 -0.11
CA MET D 34 -3.65 -30.73 0.12
C MET D 34 -2.64 -31.86 -0.08
N HIS D 35 -2.75 -32.89 0.75
CA HIS D 35 -1.89 -34.05 0.73
C HIS D 35 -2.74 -35.30 0.58
N TRP D 36 -2.18 -36.29 -0.10
CA TRP D 36 -2.68 -37.65 -0.07
C TRP D 36 -1.68 -38.47 0.71
N VAL D 37 -2.17 -39.21 1.71
CA VAL D 37 -1.37 -40.02 2.62
C VAL D 37 -2.06 -41.38 2.71
N ARG D 38 -1.44 -42.43 2.18
CA ARG D 38 -2.05 -43.75 2.27
C ARG D 38 -1.58 -44.45 3.54
N GLN D 39 -2.26 -45.55 3.85
CA GLN D 39 -1.86 -46.41 4.96
C GLN D 39 -2.10 -47.85 4.57
N ALA D 40 -1.03 -48.64 4.53
CA ALA D 40 -1.10 -50.08 4.29
C ALA D 40 -1.96 -50.75 5.38
N PRO D 41 -2.60 -51.89 5.08
CA PRO D 41 -3.57 -52.47 6.05
C PRO D 41 -2.97 -52.91 7.37
N GLU D 42 -1.72 -53.39 7.40
CA GLU D 42 -1.07 -53.75 8.66
C GLU D 42 0.18 -52.93 8.93
N LYS D 43 0.37 -51.79 8.26
CA LYS D 43 1.59 -51.02 8.39
C LYS D 43 1.27 -49.54 8.59
N GLY D 44 2.32 -48.79 8.91
CA GLY D 44 2.19 -47.38 9.24
C GLY D 44 1.93 -46.50 8.03
N LEU D 45 1.67 -45.23 8.35
CA LEU D 45 1.33 -44.20 7.36
C LEU D 45 2.46 -43.99 6.36
N GLU D 46 2.08 -43.66 5.12
CA GLU D 46 3.03 -43.34 4.08
C GLU D 46 2.50 -42.15 3.28
N TRP D 47 3.35 -41.16 3.06
CA TRP D 47 2.98 -40.00 2.28
C TRP D 47 2.99 -40.34 0.80
N VAL D 48 2.06 -39.75 0.05
CA VAL D 48 1.94 -40.05 -1.38
C VAL D 48 2.17 -38.78 -2.20
N ALA D 49 1.34 -37.77 -1.98
CA ALA D 49 1.42 -36.64 -2.89
C ALA D 49 0.98 -35.35 -2.21
N TYR D 50 1.35 -34.23 -2.82
CA TYR D 50 1.01 -32.92 -2.30
C TYR D 50 0.81 -31.95 -3.44
N ILE D 51 -0.27 -31.17 -3.37
CA ILE D 51 -0.49 -30.05 -4.29
C ILE D 51 -0.71 -28.80 -3.44
N SER D 52 -0.06 -27.71 -3.84
CA SER D 52 -0.13 -26.51 -3.02
C SER D 52 -1.45 -25.79 -3.25
N SER D 53 -1.66 -24.74 -2.46
CA SER D 53 -2.77 -23.84 -2.73
C SER D 53 -2.47 -23.07 -4.01
N GLY D 54 -3.44 -23.03 -4.93
CA GLY D 54 -3.21 -22.44 -6.22
C GLY D 54 -2.45 -23.31 -7.20
N SER D 55 -2.17 -24.57 -6.83
CA SER D 55 -1.59 -25.61 -7.70
C SER D 55 -0.21 -25.25 -8.23
N GLY D 56 0.52 -24.39 -7.52
CA GLY D 56 1.85 -24.00 -7.97
C GLY D 56 2.86 -25.13 -7.90
N THR D 57 3.00 -25.75 -6.74
CA THR D 57 4.01 -26.78 -6.52
C THR D 57 3.32 -28.11 -6.28
N ILE D 58 3.76 -29.15 -7.00
CA ILE D 58 3.23 -30.49 -6.90
C ILE D 58 4.38 -31.44 -6.61
N TYR D 59 4.30 -32.16 -5.49
CA TYR D 59 5.31 -33.13 -5.11
C TYR D 59 4.69 -34.53 -5.04
N TYR D 60 5.52 -35.53 -5.33
CA TYR D 60 5.13 -36.92 -5.23
C TYR D 60 6.17 -37.71 -4.45
N ALA D 61 5.72 -38.81 -3.84
CA ALA D 61 6.67 -39.78 -3.34
C ALA D 61 7.34 -40.50 -4.50
N ASP D 62 8.54 -41.01 -4.23
CA ASP D 62 9.31 -41.71 -5.26
C ASP D 62 8.65 -43.00 -5.72
N THR D 63 7.90 -43.65 -4.83
CA THR D 63 7.22 -44.90 -5.19
C THR D 63 6.15 -44.67 -6.25
N VAL D 64 5.44 -43.55 -6.17
CA VAL D 64 4.29 -43.30 -7.03
C VAL D 64 4.60 -42.24 -8.09
N LYS D 65 5.86 -41.87 -8.24
CA LYS D 65 6.24 -40.82 -9.17
C LYS D 65 6.08 -41.29 -10.61
N GLY D 66 5.36 -40.52 -11.41
CA GLY D 66 5.02 -40.93 -12.76
C GLY D 66 3.69 -41.63 -12.90
N ARG D 67 3.40 -42.58 -12.00
CA ARG D 67 2.16 -43.34 -12.08
C ARG D 67 0.97 -42.54 -11.58
N PHE D 68 1.16 -41.72 -10.55
CA PHE D 68 0.05 -41.04 -9.89
C PHE D 68 0.03 -39.58 -10.32
N THR D 69 -1.14 -38.97 -10.23
CA THR D 69 -1.32 -37.56 -10.58
C THR D 69 -2.32 -36.94 -9.64
N ILE D 70 -1.89 -35.92 -8.90
CA ILE D 70 -2.76 -35.22 -7.97
C ILE D 70 -3.15 -33.89 -8.58
N SER D 71 -4.43 -33.56 -8.49
CA SER D 71 -4.95 -32.31 -9.05
C SER D 71 -6.06 -31.82 -8.14
N ARG D 72 -6.42 -30.55 -8.31
CA ARG D 72 -7.50 -29.98 -7.52
C ARG D 72 -8.39 -29.15 -8.42
N ASP D 73 -9.68 -29.12 -8.08
CA ASP D 73 -10.63 -28.22 -8.72
C ASP D 73 -11.24 -27.40 -7.58
N ASP D 74 -10.84 -26.13 -7.51
CA ASP D 74 -11.20 -25.20 -6.45
C ASP D 74 -12.67 -24.73 -6.48
N PRO D 75 -13.30 -24.41 -7.63
CA PRO D 75 -14.74 -24.08 -7.57
C PRO D 75 -15.63 -25.22 -7.11
N LYS D 76 -15.30 -26.48 -7.41
CA LYS D 76 -16.11 -27.58 -6.92
C LYS D 76 -15.63 -28.10 -5.57
N ASN D 77 -14.59 -27.49 -5.00
CA ASN D 77 -14.01 -27.84 -3.70
C ASN D 77 -13.62 -29.32 -3.62
N THR D 78 -12.93 -29.79 -4.66
CA THR D 78 -12.65 -31.21 -4.77
C THR D 78 -11.21 -31.48 -5.14
N LEU D 79 -10.66 -32.56 -4.62
CA LEU D 79 -9.28 -32.97 -4.84
C LEU D 79 -9.26 -34.34 -5.49
N PHE D 80 -8.50 -34.48 -6.57
CA PHE D 80 -8.44 -35.73 -7.32
C PHE D 80 -7.06 -36.36 -7.22
N LEU D 81 -7.03 -37.69 -7.15
CA LEU D 81 -5.82 -38.48 -7.31
C LEU D 81 -6.08 -39.53 -8.38
N GLN D 82 -5.53 -39.31 -9.58
CA GLN D 82 -5.65 -40.25 -10.68
C GLN D 82 -4.49 -41.23 -10.60
N MET D 83 -4.79 -42.51 -10.46
CA MET D 83 -3.81 -43.55 -10.25
C MET D 83 -3.82 -44.47 -11.47
N THR D 84 -2.67 -44.57 -12.13
CA THR D 84 -2.49 -45.46 -13.27
C THR D 84 -1.50 -46.56 -12.92
N SER D 85 -1.66 -47.70 -13.60
CA SER D 85 -0.82 -48.90 -13.49
C SER D 85 -0.61 -49.33 -12.03
N LEU D 86 -1.73 -49.62 -11.37
CA LEU D 86 -1.72 -49.96 -9.95
C LEU D 86 -1.05 -51.32 -9.73
N ARG D 87 -0.03 -51.34 -8.88
CA ARG D 87 0.54 -52.60 -8.42
C ARG D 87 -0.17 -53.04 -7.15
N SER D 88 0.21 -54.22 -6.64
CA SER D 88 -0.33 -54.71 -5.38
C SER D 88 0.20 -53.96 -4.17
N GLU D 89 1.28 -53.18 -4.34
CA GLU D 89 1.80 -52.36 -3.26
C GLU D 89 0.90 -51.17 -2.94
N ASP D 90 -0.02 -50.83 -3.84
CA ASP D 90 -0.90 -49.69 -3.64
C ASP D 90 -2.22 -50.06 -2.98
N THR D 91 -2.27 -51.18 -2.26
CA THR D 91 -3.45 -51.57 -1.51
C THR D 91 -3.38 -50.86 -0.18
N ALA D 92 -4.32 -49.95 0.07
CA ALA D 92 -4.18 -49.05 1.23
C ALA D 92 -5.50 -48.33 1.48
N MET D 93 -5.58 -47.73 2.67
CA MET D 93 -6.63 -46.79 3.02
C MET D 93 -6.05 -45.39 2.81
N TYR D 94 -6.63 -44.62 1.91
CA TYR D 94 -6.09 -43.35 1.48
C TYR D 94 -6.76 -42.22 2.24
N TYR D 95 -5.96 -41.21 2.62
CA TYR D 95 -6.42 -40.09 3.40
C TYR D 95 -6.12 -38.79 2.67
N CYS D 96 -7.12 -37.90 2.69
CA CYS D 96 -7.02 -36.56 2.15
C CYS D 96 -6.79 -35.61 3.32
N VAL D 97 -5.66 -34.93 3.34
CA VAL D 97 -5.23 -34.14 4.48
C VAL D 97 -5.05 -32.69 4.04
N ARG D 98 -5.61 -31.77 4.81
CA ARG D 98 -5.41 -30.36 4.52
C ARG D 98 -4.25 -29.83 5.35
N SER D 99 -3.57 -28.82 4.81
CA SER D 99 -2.44 -28.22 5.49
C SER D 99 -2.23 -26.83 4.93
N ILE D 100 -2.26 -25.83 5.79
CA ILE D 100 -2.03 -24.44 5.40
C ILE D 100 -0.68 -24.02 5.96
N TYR D 101 0.02 -23.15 5.22
CA TYR D 101 1.36 -22.74 5.60
C TYR D 101 1.47 -21.22 5.60
N TYR D 102 1.52 -20.66 6.80
CA TYR D 102 1.99 -19.29 7.02
C TYR D 102 2.78 -19.31 8.30
N TYR D 103 3.14 -18.14 8.81
CA TYR D 103 3.88 -18.07 10.07
C TYR D 103 2.94 -18.43 11.22
N GLY D 104 3.27 -19.52 11.92
CA GLY D 104 2.47 -19.95 13.06
C GLY D 104 1.26 -20.79 12.72
N SER D 105 1.12 -21.21 11.48
CA SER D 105 0.00 -22.05 11.09
C SER D 105 0.22 -23.48 11.58
N SER D 106 -0.87 -24.24 11.63
CA SER D 106 -0.80 -25.67 11.95
C SER D 106 -1.04 -26.49 10.69
N PRO D 107 -0.01 -27.06 10.09
CA PRO D 107 -0.24 -27.96 8.95
C PRO D 107 -0.68 -29.32 9.43
N PHE D 108 -1.30 -30.07 8.52
CA PHE D 108 -1.77 -31.44 8.74
C PHE D 108 -2.77 -31.52 9.90
N ASP D 109 -3.64 -30.52 9.99
CA ASP D 109 -4.51 -30.44 11.16
C ASP D 109 -5.80 -31.24 11.02
N PHE D 110 -6.36 -31.35 9.82
CA PHE D 110 -7.58 -32.13 9.62
C PHE D 110 -7.34 -33.23 8.59
N TRP D 111 -7.80 -34.43 8.93
CA TRP D 111 -7.65 -35.60 8.08
C TRP D 111 -9.03 -36.11 7.71
N GLY D 112 -9.20 -36.52 6.46
CA GLY D 112 -10.46 -37.10 6.03
C GLY D 112 -10.61 -38.52 6.55
N GLN D 113 -11.80 -39.07 6.35
CA GLN D 113 -12.08 -40.41 6.85
C GLN D 113 -11.37 -41.50 6.06
N GLY D 114 -11.06 -41.25 4.80
CA GLY D 114 -10.29 -42.21 4.05
C GLY D 114 -11.16 -43.11 3.19
N THR D 115 -10.59 -43.54 2.07
CA THR D 115 -11.26 -44.52 1.20
C THR D 115 -10.35 -45.72 1.00
N THR D 116 -10.94 -46.89 0.87
CA THR D 116 -10.19 -48.14 0.82
C THR D 116 -10.00 -48.56 -0.63
N LEU D 117 -8.74 -48.72 -1.03
CA LEU D 117 -8.39 -49.25 -2.35
C LEU D 117 -7.74 -50.60 -2.15
N THR D 118 -8.33 -51.63 -2.73
CA THR D 118 -7.79 -52.98 -2.69
C THR D 118 -7.41 -53.39 -4.10
N VAL D 119 -6.14 -53.70 -4.30
CA VAL D 119 -5.64 -54.22 -5.57
C VAL D 119 -5.36 -55.71 -5.37
N SER D 120 -5.99 -56.54 -6.18
CA SER D 120 -5.93 -57.98 -6.01
C SER D 120 -4.61 -58.52 -6.58
N SER D 121 -4.53 -59.84 -6.72
CA SER D 121 -3.33 -60.46 -7.28
C SER D 121 -3.71 -61.70 -8.09
N GLY D 135 17.04 -42.55 -1.38
CA GLY D 135 18.19 -42.92 -0.57
C GLY D 135 18.55 -41.85 0.44
N SER D 136 18.39 -40.59 0.05
CA SER D 136 18.69 -39.45 0.91
C SER D 136 17.50 -39.02 1.75
N ASP D 137 16.42 -39.80 1.74
CA ASP D 137 15.22 -39.45 2.50
C ASP D 137 15.47 -39.60 3.99
N ILE D 138 14.86 -38.72 4.77
CA ILE D 138 15.06 -38.70 6.22
C ILE D 138 14.33 -39.90 6.82
N VAL D 139 15.06 -40.72 7.56
CA VAL D 139 14.50 -41.90 8.19
C VAL D 139 14.07 -41.56 9.61
N MET D 140 12.78 -41.68 9.88
CA MET D 140 12.21 -41.40 11.19
C MET D 140 12.02 -42.73 11.90
N THR D 141 12.53 -42.83 13.12
CA THR D 141 12.61 -44.11 13.82
C THR D 141 11.88 -44.02 15.15
N GLN D 142 10.80 -44.78 15.29
CA GLN D 142 10.14 -45.00 16.57
C GLN D 142 10.56 -46.40 17.02
N ALA D 143 11.48 -46.43 18.01
CA ALA D 143 12.14 -47.67 18.39
C ALA D 143 11.18 -48.67 19.00
N THR D 144 10.44 -48.28 20.03
CA THR D 144 9.46 -49.18 20.62
C THR D 144 8.16 -49.15 19.82
N SER D 145 7.55 -50.32 19.68
CA SER D 145 6.32 -50.47 18.92
C SER D 145 5.08 -50.67 19.79
N SER D 146 5.26 -51.08 21.05
CA SER D 146 4.13 -51.33 21.93
C SER D 146 4.53 -51.01 23.36
N VAL D 147 3.75 -50.15 24.01
CA VAL D 147 3.95 -49.80 25.42
C VAL D 147 2.63 -50.02 26.14
N PRO D 148 2.46 -51.13 26.87
CA PRO D 148 1.24 -51.30 27.68
C PRO D 148 1.19 -50.29 28.81
N VAL D 149 0.06 -49.56 28.89
CA VAL D 149 -0.09 -48.48 29.85
C VAL D 149 -1.34 -48.69 30.68
N THR D 150 -1.35 -48.07 31.85
CA THR D 150 -2.44 -48.01 32.80
C THR D 150 -2.99 -46.58 32.89
N PRO D 151 -4.31 -46.42 32.98
CA PRO D 151 -4.88 -45.06 33.04
C PRO D 151 -4.45 -44.32 34.30
N GLY D 152 -4.21 -43.03 34.15
CA GLY D 152 -3.71 -42.23 35.26
C GLY D 152 -2.21 -42.14 35.35
N GLU D 153 -1.48 -42.64 34.36
CA GLU D 153 -0.03 -42.70 34.35
C GLU D 153 0.51 -41.68 33.35
N SER D 154 1.83 -41.50 33.37
CA SER D 154 2.55 -40.63 32.44
C SER D 154 3.47 -41.49 31.60
N VAL D 155 3.30 -41.43 30.28
CA VAL D 155 4.11 -42.25 29.39
C VAL D 155 4.88 -41.34 28.44
N SER D 156 6.05 -41.81 28.00
CA SER D 156 6.88 -41.09 27.04
C SER D 156 7.02 -41.92 25.78
N ILE D 157 6.89 -41.27 24.63
CA ILE D 157 7.04 -41.90 23.32
C ILE D 157 8.24 -41.26 22.65
N SER D 158 9.21 -42.08 22.26
CA SER D 158 10.47 -41.58 21.72
C SER D 158 10.51 -41.74 20.21
N CYS D 159 11.09 -40.75 19.54
CA CYS D 159 11.24 -40.75 18.09
C CYS D 159 12.60 -40.17 17.74
N ARG D 160 13.38 -40.90 16.96
CA ARG D 160 14.71 -40.48 16.55
C ARG D 160 14.75 -40.25 15.05
N SER D 161 15.42 -39.17 14.65
CA SER D 161 15.55 -38.84 13.23
C SER D 161 16.96 -39.15 12.76
N SER D 162 17.08 -39.48 11.47
CA SER D 162 18.40 -39.75 10.91
C SER D 162 19.19 -38.47 10.71
N LYS D 163 18.53 -37.42 10.21
CA LYS D 163 19.11 -36.11 9.99
C LYS D 163 18.46 -35.14 10.97
N SER D 164 19.24 -34.18 11.46
CA SER D 164 18.72 -33.21 12.43
C SER D 164 17.62 -32.34 11.81
N LEU D 165 16.49 -32.27 12.52
CA LEU D 165 15.30 -31.59 12.03
C LEU D 165 15.26 -30.12 12.42
N LEU D 166 16.23 -29.66 13.22
CA LEU D 166 16.28 -28.25 13.60
C LEU D 166 16.82 -27.45 12.44
N HIS D 167 15.99 -26.57 11.89
CA HIS D 167 16.41 -25.71 10.80
C HIS D 167 17.18 -24.51 11.37
N SER D 168 17.78 -23.73 10.47
CA SER D 168 18.54 -22.57 10.89
C SER D 168 17.65 -21.43 11.39
N ASN D 169 16.36 -21.45 11.07
CA ASN D 169 15.43 -20.43 11.51
C ASN D 169 14.80 -20.72 12.87
N GLY D 170 15.29 -21.73 13.59
CA GLY D 170 14.82 -22.02 14.92
C GLY D 170 13.71 -23.06 15.01
N ASN D 171 13.03 -23.34 13.91
CA ASN D 171 11.92 -24.29 13.91
C ASN D 171 12.42 -25.71 13.75
N THR D 172 11.91 -26.61 14.57
CA THR D 172 12.14 -28.04 14.42
C THR D 172 10.87 -28.65 13.86
N TYR D 173 10.90 -29.06 12.60
CA TYR D 173 9.71 -29.55 11.90
C TYR D 173 9.36 -30.99 12.25
N LEU D 174 8.91 -31.18 13.48
CA LEU D 174 8.46 -32.48 13.97
C LEU D 174 6.96 -32.41 14.24
N TYR D 175 6.22 -33.43 13.80
CA TYR D 175 4.76 -33.46 13.93
C TYR D 175 4.33 -34.78 14.56
N TRP D 176 3.61 -34.71 15.67
CA TRP D 176 3.12 -35.89 16.36
C TRP D 176 1.63 -36.04 16.08
N PHE D 177 1.27 -37.21 15.55
CA PHE D 177 -0.11 -37.58 15.23
C PHE D 177 -0.55 -38.77 16.07
N LEU D 178 -1.85 -38.87 16.29
CA LEU D 178 -2.45 -39.99 17.00
C LEU D 178 -3.57 -40.58 16.16
N GLN D 179 -3.55 -41.89 16.00
CA GLN D 179 -4.58 -42.63 15.27
C GLN D 179 -5.25 -43.57 16.26
N ARG D 180 -6.44 -43.19 16.70
CA ARG D 180 -7.28 -44.04 17.51
C ARG D 180 -7.77 -45.21 16.66
N PRO D 181 -8.12 -46.34 17.28
CA PRO D 181 -8.59 -47.50 16.50
C PRO D 181 -9.90 -47.22 15.76
N GLY D 182 -9.86 -47.42 14.45
CA GLY D 182 -11.00 -47.22 13.59
C GLY D 182 -11.24 -45.80 13.13
N GLN D 183 -10.32 -44.88 13.40
CA GLN D 183 -10.50 -43.47 13.04
C GLN D 183 -9.32 -42.98 12.23
N SER D 184 -9.47 -41.79 11.67
CA SER D 184 -8.41 -41.13 10.95
C SER D 184 -7.35 -40.62 11.94
N PRO D 185 -6.13 -40.39 11.47
CA PRO D 185 -5.12 -39.76 12.33
C PRO D 185 -5.52 -38.33 12.70
N GLN D 186 -5.03 -37.89 13.85
CA GLN D 186 -5.36 -36.59 14.41
C GLN D 186 -4.06 -35.90 14.83
N LEU D 187 -3.92 -34.64 14.49
CA LEU D 187 -2.71 -33.89 14.84
C LEU D 187 -2.73 -33.60 16.34
N LEU D 188 -1.60 -33.82 17.00
CA LEU D 188 -1.46 -33.48 18.40
C LEU D 188 -0.42 -32.39 18.60
N ILE D 189 0.77 -32.58 18.06
CA ILE D 189 1.85 -31.60 18.26
C ILE D 189 2.37 -31.20 16.90
N TYR D 190 2.48 -29.89 16.65
CA TYR D 190 3.08 -29.41 15.42
C TYR D 190 4.32 -28.60 15.73
N ARG D 191 5.36 -28.81 14.92
CA ARG D 191 6.67 -28.15 15.05
C ARG D 191 7.30 -28.35 16.43
N MET D 192 7.34 -29.61 16.87
CA MET D 192 8.02 -30.15 18.06
C MET D 192 7.33 -29.87 19.38
N SER D 193 6.91 -28.63 19.64
CA SER D 193 6.39 -28.29 20.96
C SER D 193 5.00 -27.65 20.98
N ASN D 194 4.51 -27.16 19.84
CA ASN D 194 3.26 -26.41 19.84
C ASN D 194 2.06 -27.36 19.89
N LEU D 195 1.20 -27.18 20.87
CA LEU D 195 0.05 -28.06 21.03
C LEU D 195 -1.02 -27.65 20.04
N ALA D 196 -1.62 -28.62 19.35
CA ALA D 196 -2.60 -28.32 18.33
C ALA D 196 -3.92 -27.90 18.96
N SER D 197 -4.75 -27.25 18.14
CA SER D 197 -6.03 -26.73 18.60
C SER D 197 -7.01 -27.86 18.90
N GLY D 198 -7.62 -27.80 20.08
CA GLY D 198 -8.55 -28.82 20.53
C GLY D 198 -7.92 -30.01 21.19
N VAL D 199 -6.59 -30.04 21.31
CA VAL D 199 -5.87 -31.13 21.96
C VAL D 199 -5.79 -30.80 23.44
N PRO D 200 -6.01 -31.77 24.34
CA PRO D 200 -5.91 -31.49 25.78
C PRO D 200 -4.52 -31.05 26.22
N ASP D 201 -4.50 -30.40 27.39
CA ASP D 201 -3.29 -29.83 27.99
C ASP D 201 -2.20 -30.87 28.18
N ARG D 202 -2.57 -32.03 28.74
CA ARG D 202 -1.65 -33.11 29.14
C ARG D 202 -0.61 -33.50 28.09
N PHE D 203 -0.93 -33.45 26.81
CA PHE D 203 0.03 -33.83 25.77
C PHE D 203 1.13 -32.78 25.69
N SER D 204 2.39 -33.21 25.66
CA SER D 204 3.48 -32.24 25.60
C SER D 204 4.67 -32.82 24.87
N GLY D 205 5.20 -32.09 23.89
CA GLY D 205 6.34 -32.57 23.11
C GLY D 205 7.59 -31.78 23.43
N SER D 206 8.72 -32.48 23.57
CA SER D 206 10.00 -31.84 23.79
C SER D 206 11.08 -32.58 23.01
N GLY D 207 11.88 -31.85 22.24
CA GLY D 207 12.88 -32.48 21.40
C GLY D 207 14.19 -31.74 21.40
N SER D 208 15.25 -32.46 21.01
CA SER D 208 16.60 -31.91 20.95
C SER D 208 17.24 -32.22 19.60
N GLY D 209 16.79 -31.56 18.54
CA GLY D 209 17.38 -31.71 17.22
C GLY D 209 17.08 -33.01 16.49
N THR D 210 17.45 -34.14 17.09
CA THR D 210 17.29 -35.45 16.48
C THR D 210 16.45 -36.39 17.33
N ALA D 211 16.51 -36.25 18.64
CA ALA D 211 15.79 -37.11 19.57
C ALA D 211 14.61 -36.33 20.12
N PHE D 212 13.42 -36.92 20.06
CA PHE D 212 12.21 -36.24 20.47
C PHE D 212 11.38 -37.15 21.35
N THR D 213 10.71 -36.56 22.34
CA THR D 213 9.82 -37.31 23.20
C THR D 213 8.46 -36.61 23.28
N LEU D 214 7.43 -37.44 23.37
CA LEU D 214 6.05 -37.01 23.55
C LEU D 214 5.58 -37.56 24.88
N THR D 215 5.25 -36.67 25.82
CA THR D 215 4.86 -37.05 27.16
C THR D 215 3.35 -36.88 27.30
N ILE D 216 2.71 -37.96 27.76
CA ILE D 216 1.28 -37.95 28.04
C ILE D 216 1.13 -38.22 29.53
N SER D 217 0.99 -37.17 30.31
CA SER D 217 0.71 -37.33 31.73
C SER D 217 -0.79 -37.52 31.92
N ARG D 218 -1.15 -38.18 33.03
CA ARG D 218 -2.53 -38.50 33.43
C ARG D 218 -3.32 -39.12 32.29
N LEU D 219 -2.76 -40.22 31.77
CA LEU D 219 -3.30 -40.92 30.61
C LEU D 219 -4.74 -41.39 30.82
N GLU D 220 -5.54 -41.26 29.77
CA GLU D 220 -6.95 -41.58 29.80
C GLU D 220 -7.23 -42.70 28.80
N ALA D 221 -8.47 -43.21 28.85
CA ALA D 221 -8.88 -44.28 27.94
C ALA D 221 -8.89 -43.84 26.49
N GLU D 222 -9.20 -42.56 26.23
CA GLU D 222 -9.21 -42.02 24.88
C GLU D 222 -7.82 -42.07 24.24
N ASP D 223 -6.77 -41.91 25.04
CA ASP D 223 -5.40 -41.80 24.57
C ASP D 223 -4.85 -43.06 23.89
N VAL D 224 -5.48 -44.22 24.04
CA VAL D 224 -4.91 -45.45 23.52
C VAL D 224 -5.01 -45.49 22.00
N GLY D 225 -3.93 -45.88 21.35
CA GLY D 225 -3.88 -45.86 19.90
C GLY D 225 -2.44 -45.78 19.44
N VAL D 226 -2.26 -45.51 18.15
CA VAL D 226 -0.93 -45.57 17.54
C VAL D 226 -0.46 -44.14 17.30
N TYR D 227 0.77 -43.85 17.74
CA TYR D 227 1.34 -42.51 17.66
C TYR D 227 2.43 -42.49 16.60
N TYR D 228 2.36 -41.52 15.70
CA TYR D 228 3.30 -41.40 14.59
C TYR D 228 4.04 -40.08 14.66
N CYS D 229 5.34 -40.11 14.40
CA CYS D 229 6.14 -38.91 14.26
C CYS D 229 6.46 -38.70 12.79
N MET D 230 6.21 -37.49 12.30
CA MET D 230 6.44 -37.11 10.92
C MET D 230 7.41 -35.94 10.88
N GLN D 231 8.32 -35.96 9.91
CA GLN D 231 9.15 -34.79 9.67
C GLN D 231 8.50 -33.98 8.56
N HIS D 232 8.79 -32.68 8.55
CA HIS D 232 8.32 -31.81 7.48
C HIS D 232 9.47 -30.98 6.91
N LEU D 233 10.70 -31.23 7.35
CA LEU D 233 11.86 -30.46 6.92
C LEU D 233 12.08 -30.54 5.42
N GLU D 234 12.08 -31.74 4.87
CA GLU D 234 12.33 -31.95 3.45
C GLU D 234 11.25 -32.82 2.83
N TYR D 235 11.05 -32.66 1.53
CA TYR D 235 10.17 -33.59 0.84
C TYR D 235 10.99 -34.73 0.25
N PRO D 236 10.54 -35.99 0.31
CA PRO D 236 9.26 -36.54 0.79
C PRO D 236 9.11 -36.56 2.30
N LEU D 237 7.91 -36.27 2.77
CA LEU D 237 7.64 -36.33 4.20
C LEU D 237 7.57 -37.78 4.62
N THR D 238 8.24 -38.12 5.72
CA THR D 238 8.33 -39.50 6.16
C THR D 238 7.76 -39.63 7.56
N PHE D 239 7.10 -40.76 7.81
CA PHE D 239 6.49 -41.06 9.08
C PHE D 239 7.30 -42.13 9.79
N GLY D 240 7.11 -42.22 11.10
CA GLY D 240 7.64 -43.32 11.86
C GLY D 240 6.86 -44.59 11.64
N ALA D 241 7.34 -45.67 12.24
CA ALA D 241 6.58 -46.92 12.19
C ALA D 241 5.36 -46.89 13.10
N GLY D 242 5.34 -46.01 14.09
CA GLY D 242 4.21 -45.87 14.97
C GLY D 242 4.35 -46.68 16.24
N THR D 243 4.05 -46.06 17.38
CA THR D 243 4.12 -46.73 18.67
C THR D 243 2.70 -46.91 19.19
N LYS D 244 2.35 -48.14 19.54
CA LYS D 244 0.98 -48.48 19.90
C LYS D 244 0.82 -48.52 21.42
N LEU D 245 -0.14 -47.76 21.93
CA LEU D 245 -0.51 -47.80 23.33
C LEU D 245 -1.80 -48.60 23.47
N GLU D 246 -1.72 -49.68 24.23
CA GLU D 246 -2.83 -50.57 24.55
C GLU D 246 -3.25 -50.39 26.00
N LEU D 247 -4.34 -51.03 26.39
CA LEU D 247 -4.75 -51.04 27.78
C LEU D 247 -3.99 -52.10 28.56
N LYS D 248 -4.12 -52.02 29.89
CA LYS D 248 -3.50 -52.92 30.88
C LYS D 248 -1.98 -52.99 30.76
N THR E 4 19.39 -21.87 3.20
CA THR E 4 18.25 -21.66 2.32
C THR E 4 16.94 -22.00 3.03
N LEU E 5 15.82 -21.83 2.33
CA LEU E 5 14.52 -21.97 2.95
C LEU E 5 14.18 -23.44 3.21
N SER E 6 13.31 -23.66 4.18
CA SER E 6 12.78 -24.99 4.45
C SER E 6 11.53 -25.21 3.61
N ALA E 7 10.82 -26.31 3.87
CA ALA E 7 9.62 -26.62 3.08
C ALA E 7 8.48 -25.67 3.41
N GLU E 8 8.23 -25.47 4.71
CA GLU E 8 7.15 -24.58 5.14
C GLU E 8 7.47 -23.13 4.84
N ASP E 9 8.76 -22.76 4.83
CA ASP E 9 9.14 -21.41 4.43
C ASP E 9 8.86 -21.17 2.95
N LYS E 10 9.13 -22.17 2.11
CA LYS E 10 8.83 -22.05 0.68
C LYS E 10 7.33 -21.98 0.43
N ALA E 11 6.55 -22.76 1.18
CA ALA E 11 5.10 -22.70 1.02
C ALA E 11 4.52 -21.39 1.54
N ALA E 12 5.14 -20.81 2.58
CA ALA E 12 4.72 -19.49 3.04
C ALA E 12 5.05 -18.41 2.02
N VAL E 13 6.20 -18.53 1.34
CA VAL E 13 6.54 -17.60 0.27
C VAL E 13 5.55 -17.72 -0.89
N GLU E 14 5.13 -18.95 -1.20
CA GLU E 14 4.11 -19.16 -2.23
C GLU E 14 2.77 -18.55 -1.83
N ARG E 15 2.41 -18.66 -0.55
CA ARG E 15 1.21 -17.99 -0.04
C ARG E 15 1.32 -16.48 -0.19
N SER E 16 2.48 -15.92 0.15
CA SER E 16 2.68 -14.48 0.03
C SER E 16 2.59 -14.01 -1.41
N LYS E 17 3.08 -14.82 -2.35
CA LYS E 17 2.98 -14.43 -3.76
C LYS E 17 1.56 -14.53 -4.30
N MET E 18 0.78 -15.51 -3.84
CA MET E 18 -0.64 -15.56 -4.20
C MET E 18 -1.39 -14.35 -3.64
N ILE E 19 -1.06 -13.95 -2.41
CA ILE E 19 -1.64 -12.75 -1.82
C ILE E 19 -1.26 -11.51 -2.63
N ASP E 20 0.00 -11.45 -3.10
CA ASP E 20 0.43 -10.34 -3.96
C ASP E 20 -0.37 -10.28 -5.26
N ARG E 21 -0.61 -11.44 -5.88
CA ARG E 21 -1.41 -11.46 -7.11
C ARG E 21 -2.84 -10.99 -6.86
N ASN E 22 -3.44 -11.45 -5.76
CA ASN E 22 -4.81 -11.03 -5.46
C ASN E 22 -4.90 -9.54 -5.14
N LEU E 23 -3.91 -9.01 -4.42
CA LEU E 23 -3.86 -7.58 -4.13
C LEU E 23 -3.69 -6.75 -5.40
N ARG E 24 -2.86 -7.24 -6.33
CA ARG E 24 -2.63 -6.50 -7.57
C ARG E 24 -3.85 -6.53 -8.47
N GLU E 25 -4.54 -7.68 -8.54
CA GLU E 25 -5.82 -7.74 -9.27
C GLU E 25 -6.88 -6.84 -8.66
N ASP E 26 -6.93 -6.78 -7.32
CA ASP E 26 -7.92 -5.90 -6.68
C ASP E 26 -7.58 -4.44 -6.88
N GLY E 27 -6.29 -4.10 -6.93
CA GLY E 27 -5.90 -2.74 -7.25
C GLY E 27 -6.20 -2.35 -8.67
N GLU E 28 -6.01 -3.28 -9.61
CA GLU E 28 -6.37 -3.02 -11.00
C GLU E 28 -7.88 -2.85 -11.16
N LYS E 29 -8.66 -3.62 -10.39
CA LYS E 29 -10.11 -3.44 -10.43
C LYS E 29 -10.53 -2.12 -9.80
N ALA E 30 -9.89 -1.73 -8.70
CA ALA E 30 -10.28 -0.50 -8.00
C ALA E 30 -9.82 0.75 -8.73
N ALA E 31 -8.73 0.66 -9.50
CA ALA E 31 -8.26 1.81 -10.25
C ALA E 31 -9.12 2.12 -11.47
N ARG E 32 -10.02 1.22 -11.87
CA ARG E 32 -10.90 1.44 -13.00
C ARG E 32 -12.25 2.01 -12.57
N GLU E 33 -12.34 2.53 -11.36
CA GLU E 33 -13.58 3.05 -10.82
C GLU E 33 -13.43 4.53 -10.51
N VAL E 34 -14.52 5.26 -10.66
CA VAL E 34 -14.52 6.71 -10.47
C VAL E 34 -15.05 7.03 -9.09
N LYS E 35 -14.24 7.69 -8.27
CA LYS E 35 -14.64 8.08 -6.92
C LYS E 35 -15.05 9.54 -6.91
N LEU E 36 -16.30 9.79 -6.52
CA LEU E 36 -16.84 11.14 -6.46
C LEU E 36 -17.17 11.46 -5.00
N LEU E 37 -16.59 12.55 -4.49
CA LEU E 37 -16.91 12.99 -3.14
C LEU E 37 -18.15 13.88 -3.19
N LEU E 38 -19.22 13.47 -2.52
CA LEU E 38 -20.45 14.26 -2.51
C LEU E 38 -20.41 15.25 -1.36
N LEU E 39 -20.56 16.54 -1.68
CA LEU E 39 -20.51 17.60 -0.68
C LEU E 39 -21.69 18.54 -0.87
N GLY E 40 -22.10 19.17 0.21
CA GLY E 40 -23.19 20.13 0.14
C GLY E 40 -23.47 20.67 1.52
N ALA E 41 -24.36 21.66 1.55
CA ALA E 41 -24.80 22.26 2.81
C ALA E 41 -25.98 21.46 3.36
N GLY E 42 -26.56 21.94 4.46
CA GLY E 42 -27.74 21.30 5.02
C GLY E 42 -28.97 21.54 4.17
N GLU E 43 -29.66 20.45 3.82
CA GLU E 43 -30.89 20.44 3.01
C GLU E 43 -30.67 21.14 1.65
N SER E 44 -29.52 20.87 1.03
CA SER E 44 -29.15 21.49 -0.23
C SER E 44 -29.56 20.65 -1.44
N GLY E 45 -30.35 19.59 -1.24
CA GLY E 45 -30.73 18.72 -2.32
C GLY E 45 -29.77 17.62 -2.66
N LYS E 46 -28.92 17.22 -1.70
CA LYS E 46 -28.01 16.09 -1.90
C LYS E 46 -28.79 14.79 -2.08
N ASN E 47 -29.87 14.61 -1.31
CA ASN E 47 -30.67 13.39 -1.36
C ASN E 47 -31.33 13.22 -2.72
N THR E 48 -31.83 14.32 -3.29
CA THR E 48 -32.44 14.27 -4.63
C THR E 48 -31.40 13.87 -5.67
N ILE E 49 -30.17 14.38 -5.52
CA ILE E 49 -29.08 14.04 -6.43
C ILE E 49 -28.77 12.55 -6.33
N VAL E 50 -28.74 12.03 -5.09
CA VAL E 50 -28.43 10.61 -4.87
C VAL E 50 -29.49 9.73 -5.50
N LYS E 51 -30.77 10.11 -5.36
CA LYS E 51 -31.87 9.36 -5.96
C LYS E 51 -31.77 9.39 -7.48
N GLN E 52 -31.43 10.55 -8.06
CA GLN E 52 -31.28 10.67 -9.51
C GLN E 52 -30.12 9.82 -10.01
N MET E 53 -29.04 9.74 -9.22
CA MET E 53 -27.87 8.95 -9.63
C MET E 53 -28.19 7.46 -9.59
N LYS E 54 -28.92 7.02 -8.55
CA LYS E 54 -29.29 5.62 -8.44
C LYS E 54 -30.19 5.18 -9.59
N ILE E 55 -31.09 6.04 -10.03
CA ILE E 55 -31.99 5.72 -11.14
C ILE E 55 -31.45 6.36 -12.41
N THR E 182 -25.21 5.79 9.94
CA THR E 182 -24.27 6.86 10.27
C THR E 182 -22.94 6.64 9.55
N GLY E 183 -22.09 7.67 9.53
CA GLY E 183 -20.83 7.55 8.83
C GLY E 183 -20.98 7.76 7.34
N ILE E 184 -19.99 7.26 6.60
CA ILE E 184 -19.96 7.37 5.15
C ILE E 184 -21.13 6.64 4.51
N VAL E 185 -21.82 7.32 3.60
CA VAL E 185 -22.88 6.68 2.82
C VAL E 185 -22.31 6.49 1.42
N GLU E 186 -21.92 5.27 1.10
CA GLU E 186 -21.34 4.94 -0.20
C GLU E 186 -22.41 4.43 -1.14
N THR E 187 -22.49 5.05 -2.31
CA THR E 187 -23.42 4.67 -3.35
C THR E 187 -22.63 4.12 -4.54
N HIS E 188 -23.20 3.15 -5.23
CA HIS E 188 -22.58 2.54 -6.40
C HIS E 188 -23.55 2.62 -7.55
N PHE E 189 -23.08 3.12 -8.69
CA PHE E 189 -23.93 3.09 -9.88
C PHE E 189 -23.07 2.98 -11.12
N THR E 190 -23.51 2.13 -12.04
CA THR E 190 -22.82 1.91 -13.30
C THR E 190 -23.57 2.64 -14.39
N PHE E 191 -22.87 3.47 -15.14
CA PHE E 191 -23.43 4.23 -16.23
C PHE E 191 -22.49 4.20 -17.42
N LYS E 192 -23.03 3.76 -18.58
CA LYS E 192 -22.30 3.65 -19.84
C LYS E 192 -21.07 2.77 -19.69
N ASP E 193 -21.23 1.70 -18.91
CA ASP E 193 -20.16 0.76 -18.53
C ASP E 193 -19.01 1.51 -17.85
N LEU E 194 -19.38 2.43 -16.96
CA LEU E 194 -18.44 3.10 -16.06
C LEU E 194 -18.96 2.96 -14.63
N HIS E 195 -18.10 2.56 -13.71
CA HIS E 195 -18.52 2.27 -12.34
C HIS E 195 -18.18 3.45 -11.43
N PHE E 196 -19.20 4.12 -10.92
CA PHE E 196 -19.01 5.30 -10.09
C PHE E 196 -19.33 4.97 -8.64
N LYS E 197 -18.45 5.38 -7.73
CA LYS E 197 -18.64 5.24 -6.31
C LYS E 197 -18.79 6.64 -5.73
N MET E 198 -19.89 6.90 -5.03
CA MET E 198 -20.18 8.22 -4.49
C MET E 198 -20.09 8.16 -2.97
N PHE E 199 -19.29 9.04 -2.38
CA PHE E 199 -19.07 9.03 -0.93
C PHE E 199 -19.71 10.26 -0.30
N ASP E 200 -20.86 10.06 0.35
CA ASP E 200 -21.52 11.15 1.05
C ASP E 200 -20.99 11.19 2.47
N VAL E 201 -20.53 12.38 2.88
CA VAL E 201 -19.90 12.58 4.18
C VAL E 201 -20.73 13.56 5.00
N GLY E 202 -22.02 13.65 4.71
CA GLY E 202 -22.88 14.61 5.38
C GLY E 202 -23.16 14.30 6.84
N ALA E 203 -23.02 13.05 7.26
CA ALA E 203 -23.26 12.67 8.64
C ALA E 203 -22.05 12.87 9.54
N GLN E 204 -20.93 13.34 9.00
CA GLN E 204 -19.74 13.60 9.80
C GLN E 204 -19.86 14.99 10.42
N ARG E 205 -20.40 15.04 11.64
CA ARG E 205 -20.55 16.29 12.38
C ARG E 205 -19.25 16.80 12.97
N SER E 206 -18.19 16.02 12.90
CA SER E 206 -16.88 16.36 13.42
C SER E 206 -16.18 17.35 12.50
N GLU E 207 -15.07 17.90 12.99
CA GLU E 207 -14.25 18.86 12.25
C GLU E 207 -13.77 18.26 10.93
N ARG E 208 -13.94 19.04 9.85
CA ARG E 208 -13.73 18.51 8.51
C ARG E 208 -12.25 18.34 8.18
N LYS E 209 -11.39 19.22 8.69
CA LYS E 209 -9.96 19.21 8.34
C LYS E 209 -9.20 18.00 8.83
N LYS E 210 -9.80 17.15 9.67
CA LYS E 210 -9.12 15.97 10.19
C LYS E 210 -9.32 14.74 9.32
N TRP E 211 -10.36 14.70 8.50
CA TRP E 211 -10.61 13.56 7.64
C TRP E 211 -10.71 13.91 6.16
N ILE E 212 -10.52 15.17 5.80
CA ILE E 212 -10.72 15.56 4.40
C ILE E 212 -9.58 15.03 3.52
N HIS E 213 -8.38 14.85 4.10
CA HIS E 213 -7.24 14.35 3.36
C HIS E 213 -7.36 12.89 2.99
N CYS E 214 -8.35 12.18 3.54
CA CYS E 214 -8.67 10.84 3.08
C CYS E 214 -9.18 10.84 1.65
N PHE E 215 -9.76 11.95 1.19
CA PHE E 215 -10.33 12.02 -0.14
C PHE E 215 -9.45 12.78 -1.11
N GLU E 216 -8.13 12.70 -0.94
CA GLU E 216 -7.21 13.46 -1.79
C GLU E 216 -7.20 12.93 -3.22
N GLY E 217 -7.34 11.62 -3.38
CA GLY E 217 -7.24 11.03 -4.70
C GLY E 217 -8.57 10.77 -5.40
N VAL E 218 -9.63 11.49 -5.01
CA VAL E 218 -10.90 11.29 -5.68
C VAL E 218 -10.85 11.91 -7.07
N THR E 219 -11.72 11.42 -7.94
CA THR E 219 -11.76 11.93 -9.31
C THR E 219 -12.37 13.33 -9.37
N ALA E 220 -13.48 13.53 -8.66
CA ALA E 220 -14.15 14.82 -8.68
C ALA E 220 -14.94 15.00 -7.39
N ILE E 221 -15.30 16.26 -7.15
CA ILE E 221 -16.15 16.64 -6.02
C ILE E 221 -17.47 17.12 -6.59
N ILE E 222 -18.56 16.50 -6.18
CA ILE E 222 -19.89 16.90 -6.61
C ILE E 222 -20.44 17.80 -5.51
N PHE E 223 -20.54 19.09 -5.80
CA PHE E 223 -21.02 20.07 -4.84
C PHE E 223 -22.46 20.41 -5.16
N CYS E 224 -23.34 20.29 -4.16
CA CYS E 224 -24.75 20.58 -4.32
C CYS E 224 -25.08 21.90 -3.63
N VAL E 225 -25.78 22.78 -4.33
CA VAL E 225 -26.15 24.09 -3.83
C VAL E 225 -27.62 24.31 -4.15
N ALA E 226 -28.40 24.67 -3.14
CA ALA E 226 -29.81 24.99 -3.35
C ALA E 226 -29.93 26.44 -3.83
N LEU E 227 -30.58 26.63 -4.98
CA LEU E 227 -30.79 27.98 -5.49
C LEU E 227 -31.88 28.73 -4.76
N SER E 228 -32.74 28.03 -4.02
CA SER E 228 -33.83 28.65 -3.29
C SER E 228 -33.45 28.95 -1.85
N ASP E 229 -32.16 29.05 -1.57
CA ASP E 229 -31.65 29.40 -0.25
C ASP E 229 -31.15 30.84 -0.18
N TYR E 230 -31.39 31.64 -1.22
CA TYR E 230 -30.87 33.01 -1.25
C TYR E 230 -31.61 33.93 -0.28
N ASP E 231 -32.77 33.52 0.23
CA ASP E 231 -33.53 34.31 1.18
C ASP E 231 -33.61 33.68 2.55
N LEU E 232 -33.51 32.35 2.62
CA LEU E 232 -33.57 31.64 3.89
C LEU E 232 -32.37 31.96 4.76
N VAL E 233 -32.57 31.86 6.06
CA VAL E 233 -31.50 32.03 7.04
C VAL E 233 -31.20 30.65 7.63
N LEU E 234 -29.98 30.50 8.15
CA LEU E 234 -29.57 29.26 8.79
C LEU E 234 -30.39 29.01 10.05
N ALA E 235 -30.83 27.76 10.22
CA ALA E 235 -31.56 27.40 11.43
C ALA E 235 -30.63 27.30 12.63
N GLU E 236 -29.35 27.02 12.39
CA GLU E 236 -28.38 26.97 13.49
C GLU E 236 -28.09 28.35 14.05
N ASP E 237 -27.83 29.32 13.17
CA ASP E 237 -27.50 30.68 13.57
C ASP E 237 -28.29 31.66 12.72
N GLU E 238 -28.99 32.59 13.37
CA GLU E 238 -29.68 33.64 12.63
C GLU E 238 -28.68 34.66 12.10
N GLU E 239 -29.18 35.52 11.20
CA GLU E 239 -28.48 36.59 10.50
C GLU E 239 -27.40 36.09 9.53
N MET E 240 -27.30 34.79 9.31
CA MET E 240 -26.34 34.21 8.37
C MET E 240 -27.11 33.53 7.24
N ASN E 241 -26.91 34.01 6.02
CA ASN E 241 -27.62 33.48 4.86
C ASN E 241 -27.14 32.07 4.52
N ARG E 242 -28.08 31.22 4.10
CA ARG E 242 -27.75 29.86 3.68
C ARG E 242 -26.89 29.88 2.42
N MET E 243 -27.19 30.78 1.49
CA MET E 243 -26.40 30.91 0.28
C MET E 243 -24.98 31.38 0.60
N HIS E 244 -24.85 32.31 1.54
CA HIS E 244 -23.53 32.75 1.97
C HIS E 244 -22.76 31.65 2.68
N ALA E 245 -23.47 30.80 3.44
CA ALA E 245 -22.81 29.68 4.10
C ALA E 245 -22.37 28.63 3.09
N SER E 246 -23.15 28.44 2.02
CA SER E 246 -22.74 27.53 0.96
C SER E 246 -21.56 28.10 0.18
N MET E 247 -21.53 29.42 0.00
CA MET E 247 -20.38 30.05 -0.65
C MET E 247 -19.12 29.93 0.19
N LYS E 248 -19.26 30.05 1.51
CA LYS E 248 -18.10 29.88 2.40
C LYS E 248 -17.61 28.44 2.40
N LEU E 249 -18.55 27.49 2.36
CA LEU E 249 -18.16 26.08 2.28
C LEU E 249 -17.49 25.76 0.96
N PHE E 250 -18.00 26.32 -0.14
CA PHE E 250 -17.38 26.11 -1.45
C PHE E 250 -16.01 26.76 -1.51
N ASP E 251 -15.84 27.90 -0.85
CA ASP E 251 -14.54 28.55 -0.76
C ASP E 251 -13.55 27.71 0.02
N SER E 252 -14.03 27.06 1.09
CA SER E 252 -13.15 26.21 1.89
C SER E 252 -12.75 24.94 1.14
N ILE E 253 -13.68 24.35 0.38
CA ILE E 253 -13.37 23.11 -0.31
C ILE E 253 -12.55 23.35 -1.58
N CYS E 254 -12.90 24.39 -2.34
CA CYS E 254 -12.29 24.61 -3.66
C CYS E 254 -10.82 25.01 -3.56
N ASN E 255 -10.47 25.81 -2.55
CA ASN E 255 -9.12 26.29 -2.38
C ASN E 255 -8.38 25.55 -1.27
N ASN E 256 -8.85 24.36 -0.90
CA ASN E 256 -8.16 23.54 0.09
C ASN E 256 -6.87 23.02 -0.53
N LYS E 257 -5.89 22.72 0.32
CA LYS E 257 -4.59 22.29 -0.16
C LYS E 257 -4.57 20.84 -0.65
N TRP E 258 -5.59 20.06 -0.33
CA TRP E 258 -5.68 18.70 -0.84
C TRP E 258 -6.39 18.61 -2.17
N PHE E 259 -7.18 19.63 -2.52
CA PHE E 259 -7.92 19.62 -3.76
C PHE E 259 -7.41 20.72 -4.69
N THR E 260 -6.09 20.80 -4.84
CA THR E 260 -5.51 21.84 -5.69
C THR E 260 -5.81 21.60 -7.15
N ASP E 261 -5.92 20.33 -7.57
CA ASP E 261 -6.16 20.00 -8.97
C ASP E 261 -7.36 19.06 -9.12
N THR E 262 -8.22 18.97 -8.11
CA THR E 262 -9.38 18.10 -8.16
C THR E 262 -10.56 18.92 -8.66
N SER E 263 -11.13 18.52 -9.80
CA SER E 263 -12.21 19.27 -10.41
C SER E 263 -13.48 19.17 -9.58
N ILE E 264 -14.36 20.15 -9.76
CA ILE E 264 -15.60 20.24 -9.01
C ILE E 264 -16.75 20.26 -9.98
N ILE E 265 -17.70 19.34 -9.79
CA ILE E 265 -18.95 19.33 -10.53
C ILE E 265 -19.98 20.02 -9.65
N LEU E 266 -20.49 21.16 -10.08
CA LEU E 266 -21.39 21.96 -9.27
C LEU E 266 -22.83 21.78 -9.75
N PHE E 267 -23.71 21.43 -8.83
CA PHE E 267 -25.12 21.28 -9.11
C PHE E 267 -25.90 22.38 -8.40
N LEU E 268 -26.76 23.05 -9.14
CA LEU E 268 -27.60 24.10 -8.58
C LEU E 268 -29.02 23.54 -8.57
N ASN E 269 -29.42 23.01 -7.42
CA ASN E 269 -30.71 22.34 -7.27
C ASN E 269 -31.84 23.35 -7.16
N LYS E 270 -33.07 22.83 -7.27
CA LYS E 270 -34.33 23.55 -7.12
C LYS E 270 -34.40 24.83 -7.94
N LYS E 271 -34.23 24.67 -9.25
CA LYS E 271 -34.30 25.82 -10.13
C LYS E 271 -35.73 26.28 -10.39
N ASP E 272 -36.71 25.39 -10.26
CA ASP E 272 -38.11 25.80 -10.42
C ASP E 272 -38.59 26.57 -9.20
N LEU E 273 -38.16 26.15 -8.01
CA LEU E 273 -38.45 26.87 -6.78
C LEU E 273 -37.82 28.26 -6.83
N PHE E 274 -36.56 28.34 -7.25
CA PHE E 274 -35.88 29.63 -7.39
C PHE E 274 -36.56 30.51 -8.44
N GLU E 275 -37.06 29.88 -9.51
CA GLU E 275 -37.83 30.59 -10.53
C GLU E 275 -39.09 31.22 -9.94
N GLU E 276 -39.84 30.44 -9.16
CA GLU E 276 -41.05 30.97 -8.53
C GLU E 276 -40.73 32.06 -7.51
N LYS E 277 -39.71 31.85 -6.67
CA LYS E 277 -39.37 32.80 -5.62
C LYS E 277 -38.80 34.11 -6.15
N ILE E 278 -37.99 34.05 -7.23
CA ILE E 278 -37.27 35.22 -7.74
C ILE E 278 -38.21 36.33 -8.19
N LYS E 279 -39.39 35.97 -8.73
CA LYS E 279 -40.38 36.97 -9.11
C LYS E 279 -40.91 37.72 -7.90
N LYS E 280 -41.28 36.99 -6.84
CA LYS E 280 -41.76 37.63 -5.63
C LYS E 280 -40.63 38.32 -4.86
N SER E 281 -39.50 37.65 -4.70
CA SER E 281 -38.40 38.16 -3.88
C SER E 281 -37.17 38.43 -4.72
N PRO E 282 -36.68 39.67 -4.78
CA PRO E 282 -35.45 39.97 -5.53
C PRO E 282 -34.22 39.31 -4.90
N LEU E 283 -33.20 39.13 -5.73
CA LEU E 283 -31.94 38.54 -5.29
C LEU E 283 -31.08 39.51 -4.51
N THR E 284 -31.41 40.81 -4.51
CA THR E 284 -30.59 41.82 -3.87
C THR E 284 -30.60 41.75 -2.34
N ILE E 285 -31.47 40.93 -1.74
CA ILE E 285 -31.34 40.69 -0.30
C ILE E 285 -30.15 39.77 -0.02
N CYS E 286 -29.85 38.84 -0.92
CA CYS E 286 -28.65 38.01 -0.77
C CYS E 286 -27.42 38.77 -1.22
N TYR E 287 -27.36 39.12 -2.51
CA TYR E 287 -26.21 39.79 -3.06
C TYR E 287 -26.54 41.26 -3.24
N PRO E 288 -26.01 42.16 -2.41
CA PRO E 288 -26.37 43.58 -2.54
C PRO E 288 -25.70 44.29 -3.71
N GLU E 289 -24.76 43.65 -4.38
CA GLU E 289 -24.12 44.21 -5.56
C GLU E 289 -24.84 43.82 -6.85
N TYR E 290 -25.98 43.15 -6.75
CA TYR E 290 -26.70 42.71 -7.94
C TYR E 290 -27.36 43.90 -8.63
N ALA E 291 -27.20 43.98 -9.95
CA ALA E 291 -27.75 45.06 -10.74
C ALA E 291 -28.69 44.59 -11.84
N GLY E 292 -28.68 43.29 -12.19
CA GLY E 292 -29.49 42.79 -13.27
C GLY E 292 -30.95 42.67 -12.91
N SER E 293 -31.72 42.20 -13.89
CA SER E 293 -33.17 42.11 -13.73
C SER E 293 -33.56 40.95 -12.84
N ASN E 294 -34.84 40.88 -12.50
CA ASN E 294 -35.39 39.82 -11.66
C ASN E 294 -35.82 38.60 -12.47
N THR E 295 -35.25 38.38 -13.64
CA THR E 295 -35.59 37.22 -14.42
C THR E 295 -34.80 36.01 -13.93
N TYR E 296 -35.24 34.83 -14.35
CA TYR E 296 -34.59 33.58 -13.92
C TYR E 296 -33.17 33.48 -14.45
N GLU E 297 -32.96 33.83 -15.72
CA GLU E 297 -31.69 33.50 -16.37
C GLU E 297 -30.56 34.42 -15.91
N GLU E 298 -30.83 35.72 -15.76
CA GLU E 298 -29.79 36.65 -15.32
C GLU E 298 -29.40 36.40 -13.87
N ALA E 299 -30.38 36.17 -13.00
CA ALA E 299 -30.10 35.88 -11.60
C ALA E 299 -29.39 34.53 -11.44
N ALA E 300 -29.81 33.53 -12.23
CA ALA E 300 -29.18 32.21 -12.16
C ALA E 300 -27.74 32.26 -12.65
N ALA E 301 -27.49 32.98 -13.75
CA ALA E 301 -26.13 33.14 -14.23
C ALA E 301 -25.30 33.99 -13.28
N TYR E 302 -25.93 34.94 -12.56
CA TYR E 302 -25.20 35.70 -11.56
C TYR E 302 -24.76 34.82 -10.40
N ILE E 303 -25.64 33.93 -9.93
CA ILE E 303 -25.28 33.02 -8.85
C ILE E 303 -24.22 32.03 -9.31
N GLN E 304 -24.31 31.57 -10.57
CA GLN E 304 -23.30 30.69 -11.14
C GLN E 304 -21.94 31.38 -11.22
N CYS E 305 -21.93 32.68 -11.58
CA CYS E 305 -20.66 33.41 -11.64
C CYS E 305 -20.09 33.67 -10.26
N GLN E 306 -20.95 34.00 -9.28
CA GLN E 306 -20.48 34.19 -7.91
C GLN E 306 -20.03 32.90 -7.26
N PHE E 307 -20.45 31.74 -7.77
CA PHE E 307 -19.86 30.50 -7.30
C PHE E 307 -18.59 30.13 -8.08
N GLU E 308 -18.52 30.48 -9.36
CA GLU E 308 -17.36 30.09 -10.16
C GLU E 308 -16.15 30.97 -9.87
N ASP E 309 -16.35 32.21 -9.43
CA ASP E 309 -15.20 33.09 -9.23
C ASP E 309 -14.52 32.88 -7.87
N LEU E 310 -15.01 31.98 -7.04
CA LEU E 310 -14.31 31.61 -5.82
C LEU E 310 -13.13 30.67 -6.08
N ASN E 311 -13.03 30.14 -7.29
CA ASN E 311 -11.89 29.31 -7.69
C ASN E 311 -10.65 30.17 -7.77
N LYS E 312 -9.72 29.98 -6.83
CA LYS E 312 -8.43 30.65 -6.92
C LYS E 312 -7.56 30.01 -7.99
N ARG E 313 -7.49 28.68 -8.00
CA ARG E 313 -6.64 27.92 -8.90
C ARG E 313 -7.37 27.65 -10.22
N LYS E 314 -7.66 28.74 -10.96
CA LYS E 314 -8.41 28.62 -12.21
C LYS E 314 -7.67 27.81 -13.26
N ASP E 315 -6.33 27.88 -13.28
CA ASP E 315 -5.56 27.13 -14.27
C ASP E 315 -5.57 25.63 -13.99
N THR E 316 -5.33 25.21 -12.75
CA THR E 316 -5.14 23.79 -12.47
C THR E 316 -6.43 22.99 -12.37
N LYS E 317 -7.53 23.60 -11.94
CA LYS E 317 -8.80 22.88 -11.81
C LYS E 317 -9.91 23.64 -12.52
N GLU E 318 -10.96 22.90 -12.86
CA GLU E 318 -12.08 23.45 -13.62
C GLU E 318 -13.37 23.12 -12.88
N ILE E 319 -14.37 23.99 -13.05
CA ILE E 319 -15.67 23.84 -12.40
C ILE E 319 -16.72 23.64 -13.48
N TYR E 320 -17.48 22.55 -13.37
CA TYR E 320 -18.56 22.22 -14.29
C TYR E 320 -19.87 22.47 -13.56
N THR E 321 -20.77 23.21 -14.21
CA THR E 321 -22.02 23.63 -13.59
C THR E 321 -23.23 23.11 -14.36
N HIS E 322 -24.19 22.54 -13.64
CA HIS E 322 -25.45 22.08 -14.21
C HIS E 322 -26.58 22.62 -13.33
N PHE E 323 -27.82 22.53 -13.81
CA PHE E 323 -28.95 23.05 -13.07
C PHE E 323 -29.95 21.98 -12.62
N THR E 324 -29.49 20.72 -12.47
CA THR E 324 -30.28 19.60 -11.91
C THR E 324 -31.64 19.42 -12.59
N CYS E 325 -31.60 19.23 -13.92
CA CYS E 325 -32.81 18.96 -14.68
C CYS E 325 -33.51 17.70 -14.17
N SER E 326 -34.84 17.76 -14.08
CA SER E 326 -35.62 16.63 -13.60
C SER E 326 -35.70 15.51 -14.61
N THR E 327 -35.44 15.81 -15.89
CA THR E 327 -35.44 14.82 -16.96
C THR E 327 -34.50 13.66 -16.62
N ASP E 328 -34.94 12.45 -16.93
CA ASP E 328 -34.19 11.27 -16.57
C ASP E 328 -32.92 11.21 -17.41
N THR E 329 -31.82 10.76 -16.79
CA THR E 329 -30.52 10.55 -17.44
C THR E 329 -30.04 11.85 -18.11
N LYS E 330 -30.24 12.96 -17.43
CA LYS E 330 -29.71 14.23 -17.91
C LYS E 330 -28.82 14.87 -16.86
N ASN E 331 -28.82 14.35 -15.63
CA ASN E 331 -27.94 14.79 -14.57
C ASN E 331 -26.77 13.83 -14.45
N VAL E 332 -27.06 12.52 -14.44
CA VAL E 332 -26.01 11.53 -14.47
C VAL E 332 -25.30 11.52 -15.81
N GLN E 333 -25.97 11.99 -16.87
CA GLN E 333 -25.31 12.21 -18.15
C GLN E 333 -24.31 13.34 -18.06
N PHE E 334 -24.66 14.42 -17.34
CA PHE E 334 -23.72 15.51 -17.12
C PHE E 334 -22.53 15.07 -16.28
N VAL E 335 -22.80 14.26 -15.25
CA VAL E 335 -21.72 13.72 -14.42
C VAL E 335 -20.80 12.85 -15.26
N PHE E 336 -21.38 12.05 -16.17
CA PHE E 336 -20.57 11.21 -17.05
C PHE E 336 -19.71 12.04 -17.99
N ASP E 337 -20.28 13.12 -18.54
CA ASP E 337 -19.52 14.00 -19.42
C ASP E 337 -18.38 14.70 -18.70
N ALA E 338 -18.67 15.24 -17.50
CA ALA E 338 -17.65 15.94 -16.72
C ALA E 338 -16.54 15.01 -16.26
N VAL E 339 -16.90 13.78 -15.86
CA VAL E 339 -15.89 12.81 -15.45
C VAL E 339 -15.08 12.33 -16.65
N THR E 340 -15.69 12.25 -17.83
CA THR E 340 -14.93 11.94 -19.04
C THR E 340 -13.92 13.03 -19.35
N ASP E 341 -14.30 14.29 -19.16
CA ASP E 341 -13.38 15.41 -19.33
C ASP E 341 -12.23 15.35 -18.33
N VAL E 342 -12.54 15.04 -17.07
CA VAL E 342 -11.51 14.94 -16.03
C VAL E 342 -10.54 13.80 -16.33
N ILE E 343 -11.06 12.67 -16.82
CA ILE E 343 -10.23 11.54 -17.19
C ILE E 343 -9.32 11.88 -18.38
N ILE E 344 -9.85 12.59 -19.38
CA ILE E 344 -9.04 13.03 -20.51
C ILE E 344 -7.93 13.98 -20.06
N LYS E 345 -8.22 14.83 -19.06
CA LYS E 345 -7.21 15.78 -18.62
C LYS E 345 -6.14 15.10 -17.76
N ASN E 346 -6.54 14.12 -16.95
CA ASN E 346 -5.58 13.33 -16.19
C ASN E 346 -4.70 12.49 -17.12
N ASN E 347 -5.27 11.96 -18.19
CA ASN E 347 -4.47 11.19 -19.16
C ASN E 347 -3.51 12.10 -19.93
N LEU E 348 -3.93 13.33 -20.22
CA LEU E 348 -3.02 14.30 -20.83
C LEU E 348 -1.87 14.65 -19.90
N LYS E 349 -2.16 14.85 -18.60
CA LYS E 349 -1.07 15.08 -17.65
C LYS E 349 -0.19 13.84 -17.45
N ASP E 350 -0.72 12.64 -17.68
CA ASP E 350 0.11 11.45 -17.56
C ASP E 350 1.02 11.28 -18.77
N CYS E 351 0.53 11.62 -19.96
CA CYS E 351 1.32 11.49 -21.18
C CYS E 351 2.34 12.61 -21.36
N GLY E 352 2.29 13.64 -20.53
CA GLY E 352 3.22 14.76 -20.64
C GLY E 352 2.77 15.87 -21.56
N LEU E 353 1.62 15.72 -22.21
CA LEU E 353 1.13 16.75 -23.11
C LEU E 353 0.63 17.97 -22.38
N PHE E 354 0.22 17.82 -21.12
CA PHE E 354 -0.43 18.88 -20.37
C PHE E 354 0.15 18.87 -18.95
C01 IXO F . 22.20 7.74 -38.90
N02 IXO F . 21.43 8.97 -38.82
C03 IXO F . 21.20 9.35 -37.42
C04 IXO F . 22.24 10.00 -39.40
C05 IXO F . 20.19 8.92 -39.59
C06 IXO F . 19.62 7.50 -39.68
C07 IXO F . 19.03 6.47 -39.72
C08 IXO F . 18.28 5.12 -39.79
O09 IXO F . 17.02 5.28 -39.18
C10 IXO F . 16.13 6.24 -39.69
N11 IXO F . 16.18 6.71 -41.09
O12 IXO F . 15.40 7.80 -41.19
C13 IXO F . 14.48 7.84 -39.95
C14 IXO F . 15.12 6.77 -38.98
#